data_5MED
#
_entry.id   5MED
#
_cell.length_a   54.500
_cell.length_b   165.400
_cell.length_c   166.210
_cell.angle_alpha   90.000
_cell.angle_beta   90.000
_cell.angle_gamma   90.000
#
_symmetry.space_group_name_H-M   'P 21 21 21'
#
loop_
_entity.id
_entity.type
_entity.pdbx_description
1 polymer 'Arachidonate 15-lipoxygenase'
2 non-polymer 'FE (III) ION'
3 non-polymer R-1,2-PROPANEDIOL
4 non-polymer 1,4-BUTANEDIOL
5 non-polymer GLYCEROL
6 non-polymer HEXANE-1,6-DIOL
7 non-polymer N-PROPANOL
8 non-polymer 1-BUTANOL
9 non-polymer 1,3-PROPANDIOL
10 water water
#
_entity_poly.entity_id   1
_entity_poly.type   'polypeptide(L)'
_entity_poly.pdbx_seq_one_letter_code
;MVQPSLPQDDTPDQQEQRNRAIAQQREAYQYSETAGILLIKTLPQSEMFSLKYLIERDKGLVSLIANTLASNIENIFDPF
DKLEDFEEMFPLLPKPLVMNTFRNDRVFARQRIAGPNPMVIERVVDKLPDNFPVTDAMFQKIMFTKKTLAEAIAQGKLFI
TNYKGLAELSPGRYEYQKNGTLVQKTKTIAAPLVLYAWKPEGFGDYRGSLAPIAIQINQQPDPITNPIYTPRDGKHWFIA
KIFAQMADGNCHEAISHLARTHLILEPFVLATANELAPNHPLSVLLKPHFQFTLAINELAREQLISAGGYADDLLAGTLE
ASIAVIKAAIKEYMDNFTEFALPRELARRGVGIGDVDQRGENFLPDYPYRDDAMLLWNAIEVYVRDYLSLYYQSPVQIRQ
DTELQNWVRRLVSPEGGRVTGLVSNGELNTIEALVAIATQVIFVSGPQHAAVNYPQYDYMAFIPNMPLATYATPPNKESN
ISEATILNILPPQKLAARQLELMRTLCVFYPNRLGYPDTEFVDVRAQQVLHQFQERLQEIEQRIVLCNEKRLEPYTYLLP
SNVPNSTSI
;
_entity_poly.pdbx_strand_id   A,B
#
loop_
_chem_comp.id
_chem_comp.type
_chem_comp.name
_chem_comp.formula
1BO non-polymer 1-BUTANOL 'C4 H10 O'
BU1 non-polymer 1,4-BUTANEDIOL 'C4 H10 O2'
FE non-polymer 'FE (III) ION' 'Fe 3'
GOL non-polymer GLYCEROL 'C3 H8 O3'
HEZ non-polymer HEXANE-1,6-DIOL 'C6 H14 O2'
PDO non-polymer 1,3-PROPANDIOL 'C3 H8 O2'
PGR non-polymer R-1,2-PROPANEDIOL 'C3 H8 O2'
POL non-polymer N-PROPANOL 'C3 H8 O'
#
# COMPACT_ATOMS: atom_id res chain seq x y z
N MET A 1 26.35 11.58 14.93
CA MET A 1 27.02 11.11 13.71
C MET A 1 28.52 10.91 13.91
N VAL A 2 28.93 9.64 14.01
CA VAL A 2 30.30 9.25 14.36
C VAL A 2 31.15 9.11 13.11
N GLN A 3 32.38 9.59 13.19
CA GLN A 3 33.36 9.28 12.15
C GLN A 3 33.61 7.78 12.12
N PRO A 4 33.49 7.12 10.97
CA PRO A 4 33.70 5.66 10.94
C PRO A 4 35.12 5.26 11.31
N SER A 5 35.24 4.10 11.95
CA SER A 5 36.53 3.60 12.36
C SER A 5 36.49 2.08 12.43
N LEU A 6 37.68 1.48 12.37
CA LEU A 6 37.81 0.05 12.61
C LEU A 6 37.81 -0.22 14.11
N PRO A 7 37.19 -1.32 14.56
CA PRO A 7 37.03 -1.54 16.01
C PRO A 7 38.33 -1.66 16.78
N GLN A 8 39.39 -2.20 16.15
CA GLN A 8 40.66 -2.34 16.86
C GLN A 8 41.38 -1.00 17.01
N ASP A 9 40.93 0.04 16.32
CA ASP A 9 41.52 1.36 16.47
C ASP A 9 40.87 2.20 17.56
N ASP A 10 39.76 1.73 18.13
CA ASP A 10 38.97 2.48 19.09
C ASP A 10 39.48 2.23 20.53
N THR A 11 39.13 3.15 21.43
CA THR A 11 39.46 2.97 22.85
C THR A 11 38.59 1.88 23.47
N PRO A 12 38.95 1.37 24.66
CA PRO A 12 38.09 0.37 25.30
C PRO A 12 36.68 0.89 25.61
N ASP A 13 36.55 2.16 25.96
CA ASP A 13 35.23 2.76 26.15
C ASP A 13 34.42 2.69 24.86
N GLN A 14 35.03 3.12 23.76
CA GLN A 14 34.38 3.13 22.45
C GLN A 14 34.02 1.72 22.01
N GLN A 15 34.89 0.74 22.31
CA GLN A 15 34.65 -0.65 21.91
C GLN A 15 33.46 -1.24 22.67
N GLU A 16 33.35 -0.90 23.95
CA GLU A 16 32.16 -1.27 24.73
C GLU A 16 30.89 -0.71 24.09
N GLN A 17 30.96 0.54 23.62
CA GLN A 17 29.80 1.12 22.93
C GLN A 17 29.46 0.33 21.67
N ARG A 18 30.48 -0.05 20.90
CA ARG A 18 30.24 -0.80 19.66
C ARG A 18 29.58 -2.14 19.96
N ASN A 19 30.09 -2.86 20.96
CA ASN A 19 29.51 -4.16 21.30
C ASN A 19 28.09 -4.02 21.83
N ARG A 20 27.81 -2.93 22.56
CA ARG A 20 26.45 -2.65 23.00
C ARG A 20 25.51 -2.49 21.81
N ALA A 21 25.93 -1.68 20.83
CA ALA A 21 25.10 -1.44 19.67
C ALA A 21 24.89 -2.72 18.89
N ILE A 22 25.94 -3.54 18.75
CA ILE A 22 25.83 -4.80 18.04
C ILE A 22 24.90 -5.76 18.77
N ALA A 23 25.00 -5.84 20.11
CA ALA A 23 24.10 -6.69 20.88
C ALA A 23 22.65 -6.28 20.68
N GLN A 24 22.38 -4.97 20.71
CA GLN A 24 21.01 -4.49 20.44
C GLN A 24 20.57 -4.85 19.04
N GLN A 25 21.46 -4.69 18.06
CA GLN A 25 21.12 -5.01 16.67
C GLN A 25 20.80 -6.49 16.51
N ARG A 26 21.56 -7.35 17.20
CA ARG A 26 21.32 -8.78 17.11
C ARG A 26 19.94 -9.12 17.66
N GLU A 27 19.51 -8.40 18.71
CA GLU A 27 18.16 -8.64 19.21
C GLU A 27 17.08 -8.15 18.24
N ALA A 28 17.33 -7.05 17.52
CA ALA A 28 16.33 -6.51 16.60
C ALA A 28 16.32 -7.19 15.22
N TYR A 29 17.41 -7.82 14.82
CA TYR A 29 17.54 -8.43 13.49
C TYR A 29 17.81 -9.93 13.66
N GLN A 30 16.80 -10.65 14.13
CA GLN A 30 16.96 -12.08 14.33
C GLN A 30 16.66 -12.85 13.04
N TYR A 31 17.30 -14.02 12.94
CA TYR A 31 17.23 -14.88 11.76
C TYR A 31 16.00 -15.78 11.84
N SER A 32 15.37 -16.01 10.70
CA SER A 32 14.26 -16.92 10.62
C SER A 32 14.30 -17.57 9.25
N GLU A 33 13.33 -18.44 8.97
CA GLU A 33 13.22 -18.99 7.64
C GLU A 33 11.76 -19.27 7.31
N THR A 34 11.42 -19.17 6.03
CA THR A 34 10.17 -19.67 5.52
C THR A 34 10.50 -20.67 4.41
N ALA A 35 10.10 -21.94 4.60
CA ALA A 35 10.34 -22.99 3.61
C ALA A 35 11.83 -23.13 3.28
N GLY A 36 12.70 -22.97 4.28
CA GLY A 36 14.11 -23.09 4.04
C GLY A 36 14.76 -21.90 3.38
N ILE A 37 14.06 -20.79 3.28
CA ILE A 37 14.61 -19.54 2.78
C ILE A 37 14.87 -18.62 3.97
N LEU A 38 16.11 -18.14 4.06
N LEU A 38 16.11 -18.10 4.05
CA LEU A 38 16.51 -17.30 5.18
CA LEU A 38 16.52 -17.29 5.18
C LEU A 38 15.88 -15.92 5.07
C LEU A 38 15.94 -15.89 5.08
N LEU A 39 15.25 -15.48 6.16
CA LEU A 39 14.57 -14.18 6.21
C LEU A 39 14.64 -13.66 7.64
N ILE A 40 14.09 -12.48 7.88
CA ILE A 40 14.19 -11.86 9.19
C ILE A 40 13.01 -12.30 10.05
N LYS A 41 13.24 -12.48 11.36
CA LYS A 41 12.14 -12.89 12.24
C LYS A 41 11.10 -11.79 12.37
N THR A 42 11.50 -10.60 12.82
CA THR A 42 10.55 -9.49 12.77
C THR A 42 11.28 -8.23 12.30
N LEU A 43 10.63 -7.52 11.39
CA LEU A 43 11.21 -6.33 10.77
C LEU A 43 11.26 -5.18 11.75
N PRO A 44 12.41 -4.57 12.00
CA PRO A 44 12.44 -3.37 12.83
C PRO A 44 11.72 -2.23 12.14
N GLN A 45 11.07 -1.39 12.96
CA GLN A 45 10.37 -0.23 12.40
C GLN A 45 11.31 0.66 11.60
N SER A 46 12.58 0.79 12.04
CA SER A 46 13.56 1.56 11.28
C SER A 46 13.77 1.03 9.86
N GLU A 47 13.45 -0.24 9.61
CA GLU A 47 13.64 -0.87 8.31
C GLU A 47 12.38 -0.91 7.48
N MET A 48 11.28 -0.33 7.95
CA MET A 48 10.07 -0.31 7.18
C MET A 48 10.21 0.65 5.98
N PHE A 49 9.32 0.47 5.00
CA PHE A 49 9.17 1.44 3.94
C PHE A 49 8.93 2.83 4.54
N SER A 50 9.37 3.87 3.84
CA SER A 50 9.07 5.24 4.23
C SER A 50 7.66 5.64 3.81
N LEU A 51 7.17 6.77 4.35
CA LEU A 51 5.92 7.36 3.91
C LEU A 51 5.93 7.62 2.39
N LYS A 52 7.00 8.23 1.88
CA LYS A 52 7.08 8.51 0.44
C LYS A 52 6.95 7.23 -0.38
N TYR A 53 7.61 6.16 0.07
CA TYR A 53 7.50 4.88 -0.61
C TYR A 53 6.05 4.41 -0.67
N LEU A 54 5.38 4.44 0.49
CA LEU A 54 4.01 3.96 0.56
C LEU A 54 3.09 4.76 -0.34
N ILE A 55 3.32 6.08 -0.42
CA ILE A 55 2.47 6.92 -1.25
C ILE A 55 2.61 6.53 -2.73
N GLU A 56 3.85 6.22 -3.15
CA GLU A 56 4.06 5.78 -4.55
C GLU A 56 3.46 4.40 -4.81
N ARG A 57 3.63 3.49 -3.86
CA ARG A 57 3.10 2.14 -4.03
C ARG A 57 1.58 2.18 -4.12
N ASP A 58 0.95 3.00 -3.28
CA ASP A 58 -0.50 3.12 -3.30
C ASP A 58 -0.99 3.75 -4.61
N LYS A 59 -0.27 4.75 -5.15
CA LYS A 59 -0.66 5.28 -6.46
C LYS A 59 -0.69 4.16 -7.51
N GLY A 60 0.31 3.27 -7.44
CA GLY A 60 0.32 2.09 -8.30
C GLY A 60 -0.91 1.22 -8.17
N LEU A 61 -1.27 0.88 -6.92
CA LEU A 61 -2.42 -0.03 -6.74
C LEU A 61 -3.73 0.65 -7.15
N VAL A 62 -3.85 1.94 -6.86
CA VAL A 62 -5.06 2.63 -7.25
C VAL A 62 -5.11 2.79 -8.78
N SER A 63 -3.94 2.92 -9.45
CA SER A 63 -3.93 2.91 -10.92
C SER A 63 -4.44 1.59 -11.47
N LEU A 64 -4.19 0.49 -10.74
CA LEU A 64 -4.72 -0.80 -11.19
C LEU A 64 -6.23 -0.89 -11.00
N ILE A 65 -6.76 -0.33 -9.91
CA ILE A 65 -8.21 -0.27 -9.75
C ILE A 65 -8.84 0.49 -10.92
N ALA A 66 -8.26 1.65 -11.27
CA ALA A 66 -8.79 2.45 -12.36
C ALA A 66 -8.72 1.71 -13.69
N ASN A 67 -7.56 1.10 -13.96
CA ASN A 67 -7.40 0.39 -15.22
C ASN A 67 -8.34 -0.79 -15.32
N THR A 68 -8.51 -1.51 -14.20
CA THR A 68 -9.44 -2.61 -14.16
C THR A 68 -10.86 -2.10 -14.40
N LEU A 69 -11.19 -0.94 -13.83
CA LEU A 69 -12.52 -0.39 -14.02
C LEU A 69 -12.77 -0.05 -15.48
N ALA A 70 -11.74 0.43 -16.18
CA ALA A 70 -11.87 0.77 -17.58
C ALA A 70 -11.71 -0.41 -18.54
N SER A 71 -11.25 -1.56 -18.05
N SER A 71 -11.25 -1.56 -18.06
CA SER A 71 -11.01 -2.75 -18.86
CA SER A 71 -11.00 -2.74 -18.88
C SER A 71 -12.26 -3.62 -18.99
C SER A 71 -12.23 -3.64 -18.98
N ASN A 72 -12.28 -4.46 -20.03
CA ASN A 72 -13.37 -5.41 -20.22
C ASN A 72 -13.06 -6.83 -19.73
N ILE A 73 -11.88 -7.06 -19.17
CA ILE A 73 -11.51 -8.38 -18.70
C ILE A 73 -12.42 -8.77 -17.53
N GLU A 74 -12.67 -10.08 -17.39
CA GLU A 74 -13.63 -10.58 -16.43
C GLU A 74 -12.92 -11.47 -15.42
N ASN A 75 -13.59 -11.67 -14.28
CA ASN A 75 -13.03 -12.47 -13.20
C ASN A 75 -13.39 -13.94 -13.40
N ILE A 76 -12.89 -14.52 -14.51
CA ILE A 76 -13.26 -15.87 -14.87
C ILE A 76 -12.04 -16.67 -15.31
N PHE A 77 -12.11 -17.99 -15.18
CA PHE A 77 -11.05 -18.85 -15.67
C PHE A 77 -11.32 -19.33 -17.09
N ASP A 78 -12.15 -18.61 -17.85
CA ASP A 78 -12.29 -18.84 -19.28
C ASP A 78 -11.15 -18.19 -20.04
N PRO A 79 -10.82 -18.68 -21.23
CA PRO A 79 -9.89 -17.95 -22.09
C PRO A 79 -10.50 -16.64 -22.55
N PHE A 80 -9.64 -15.74 -23.03
CA PHE A 80 -10.13 -14.60 -23.78
C PHE A 80 -10.86 -15.10 -25.02
N ASP A 81 -11.79 -14.28 -25.52
CA ASP A 81 -12.54 -14.65 -26.72
C ASP A 81 -11.71 -14.46 -27.99
N LYS A 82 -10.84 -13.46 -27.99
CA LYS A 82 -10.05 -13.08 -29.15
C LYS A 82 -8.64 -12.80 -28.69
N LEU A 83 -7.66 -13.14 -29.52
CA LEU A 83 -6.28 -12.77 -29.21
C LEU A 83 -6.12 -11.26 -29.09
N GLU A 84 -6.90 -10.49 -29.85
N GLU A 84 -6.91 -10.50 -29.84
CA GLU A 84 -6.81 -9.04 -29.77
CA GLU A 84 -6.91 -9.04 -29.77
C GLU A 84 -7.24 -8.50 -28.40
C GLU A 84 -7.18 -8.54 -28.37
N ASP A 85 -7.98 -9.28 -27.61
CA ASP A 85 -8.39 -8.85 -26.27
C ASP A 85 -7.19 -8.61 -25.36
N PHE A 86 -6.07 -9.31 -25.60
CA PHE A 86 -4.88 -9.07 -24.80
C PHE A 86 -4.31 -7.67 -25.03
N GLU A 87 -4.56 -7.11 -26.21
CA GLU A 87 -4.13 -5.75 -26.49
C GLU A 87 -5.01 -4.71 -25.82
N GLU A 88 -6.18 -5.10 -25.35
CA GLU A 88 -7.11 -4.14 -24.77
C GLU A 88 -7.02 -4.05 -23.25
N MET A 89 -6.00 -4.68 -22.66
CA MET A 89 -5.87 -4.73 -21.21
C MET A 89 -5.29 -3.45 -20.59
N PHE A 90 -4.91 -2.44 -21.39
CA PHE A 90 -4.21 -1.28 -20.87
C PHE A 90 -4.92 0.05 -21.17
N PRO A 91 -6.24 0.17 -20.97
CA PRO A 91 -6.88 1.45 -21.29
C PRO A 91 -6.32 2.65 -20.52
N LEU A 92 -5.85 2.48 -19.28
CA LEU A 92 -5.33 3.58 -18.48
C LEU A 92 -3.91 3.31 -17.98
N LEU A 93 -3.15 2.48 -18.68
CA LEU A 93 -1.78 2.19 -18.32
C LEU A 93 -0.91 2.34 -19.56
N PRO A 94 0.41 2.53 -19.40
CA PRO A 94 1.29 2.54 -20.58
C PRO A 94 1.16 1.22 -21.35
N LYS A 95 1.30 1.30 -22.67
CA LYS A 95 1.27 0.07 -23.46
C LYS A 95 2.63 -0.61 -23.38
N PRO A 96 2.68 -1.91 -23.08
CA PRO A 96 4.00 -2.57 -22.97
C PRO A 96 4.75 -2.47 -24.29
N LEU A 97 6.04 -2.15 -24.19
CA LEU A 97 6.80 -1.85 -25.40
C LEU A 97 6.84 -3.01 -26.39
N VAL A 98 6.78 -4.27 -25.92
CA VAL A 98 6.87 -5.39 -26.86
C VAL A 98 5.57 -5.63 -27.62
N MET A 99 4.49 -4.96 -27.24
CA MET A 99 3.17 -5.44 -27.63
C MET A 99 2.99 -5.51 -29.14
N ASN A 100 3.40 -4.47 -29.86
CA ASN A 100 3.14 -4.44 -31.30
C ASN A 100 4.04 -5.35 -32.14
N THR A 101 5.23 -5.71 -31.65
CA THR A 101 6.17 -6.48 -32.47
C THR A 101 6.50 -7.87 -31.92
N PHE A 102 5.78 -8.34 -30.90
CA PHE A 102 6.19 -9.56 -30.21
C PHE A 102 6.22 -10.79 -31.11
N ARG A 103 5.49 -10.77 -32.22
N ARG A 103 5.49 -10.77 -32.22
CA ARG A 103 5.48 -11.91 -33.12
CA ARG A 103 5.48 -11.91 -33.12
C ARG A 103 6.77 -12.04 -33.92
C ARG A 103 6.77 -12.04 -33.92
N ASN A 104 7.52 -10.96 -34.07
CA ASN A 104 8.72 -10.99 -34.90
C ASN A 104 9.80 -11.89 -34.27
N ASP A 105 10.37 -12.78 -35.09
CA ASP A 105 11.43 -13.69 -34.60
C ASP A 105 12.61 -12.93 -34.00
N ARG A 106 12.96 -11.77 -34.57
CA ARG A 106 14.08 -11.00 -34.04
C ARG A 106 13.74 -10.39 -32.68
N VAL A 107 12.48 -9.96 -32.51
CA VAL A 107 12.05 -9.40 -31.23
C VAL A 107 12.02 -10.48 -30.15
N PHE A 108 11.61 -11.70 -30.53
CA PHE A 108 11.72 -12.85 -29.64
C PHE A 108 13.17 -13.07 -29.21
N ALA A 109 14.08 -13.10 -30.20
CA ALA A 109 15.45 -13.49 -29.91
C ALA A 109 16.17 -12.40 -29.12
N ARG A 110 15.88 -11.13 -29.40
CA ARG A 110 16.63 -10.12 -28.68
C ARG A 110 16.26 -10.00 -27.21
N GLN A 111 15.14 -10.59 -26.78
CA GLN A 111 14.87 -10.64 -25.34
C GLN A 111 15.88 -11.48 -24.59
N ARG A 112 16.66 -12.32 -25.29
CA ARG A 112 17.74 -13.06 -24.61
C ARG A 112 18.86 -12.15 -24.18
N ILE A 113 19.02 -11.00 -24.82
CA ILE A 113 20.16 -10.14 -24.54
C ILE A 113 19.75 -8.74 -24.07
N ALA A 114 18.44 -8.44 -24.06
CA ALA A 114 18.00 -7.11 -23.69
C ALA A 114 16.59 -7.14 -23.08
N GLY A 115 16.05 -8.32 -22.76
CA GLY A 115 14.76 -8.40 -22.12
C GLY A 115 14.88 -8.58 -20.63
N PRO A 116 13.81 -9.11 -20.01
CA PRO A 116 13.83 -9.17 -18.54
C PRO A 116 14.85 -10.17 -18.00
N ASN A 117 15.24 -11.19 -18.77
CA ASN A 117 16.09 -12.27 -18.28
C ASN A 117 17.30 -12.45 -19.19
N PRO A 118 18.26 -11.48 -19.19
CA PRO A 118 19.40 -11.59 -20.12
C PRO A 118 20.51 -12.49 -19.60
N MET A 119 20.11 -13.58 -18.93
CA MET A 119 21.00 -14.36 -18.07
C MET A 119 21.13 -15.82 -18.48
N VAL A 120 20.56 -16.25 -19.59
CA VAL A 120 20.42 -17.66 -19.89
C VAL A 120 21.25 -18.08 -21.10
N ILE A 121 21.29 -17.24 -22.13
CA ILE A 121 21.88 -17.62 -23.40
C ILE A 121 23.37 -17.92 -23.21
N GLU A 122 23.86 -18.95 -23.87
CA GLU A 122 25.28 -19.28 -23.80
C GLU A 122 25.77 -19.65 -25.20
N ARG A 123 27.06 -19.47 -25.43
CA ARG A 123 27.64 -19.86 -26.70
C ARG A 123 27.80 -21.37 -26.76
N VAL A 124 27.42 -21.95 -27.90
CA VAL A 124 27.63 -23.39 -28.11
C VAL A 124 29.11 -23.66 -28.34
N VAL A 125 29.67 -24.59 -27.56
CA VAL A 125 31.04 -25.05 -27.70
C VAL A 125 31.02 -26.54 -28.04
N ASP A 126 31.78 -26.94 -29.07
CA ASP A 126 31.98 -28.33 -29.44
C ASP A 126 30.79 -28.96 -30.15
N LYS A 127 29.63 -28.99 -29.51
CA LYS A 127 28.46 -29.65 -30.08
C LYS A 127 27.22 -29.27 -29.28
N LEU A 128 26.04 -29.43 -29.92
CA LEU A 128 24.77 -29.25 -29.25
C LEU A 128 24.55 -30.41 -28.27
N PRO A 129 23.64 -30.26 -27.30
CA PRO A 129 23.32 -31.38 -26.42
C PRO A 129 22.81 -32.56 -27.23
N ASP A 130 23.23 -33.77 -26.82
CA ASP A 130 22.82 -34.97 -27.53
C ASP A 130 21.31 -35.15 -27.55
N ASN A 131 20.60 -34.63 -26.55
CA ASN A 131 19.15 -34.71 -26.50
C ASN A 131 18.44 -33.61 -27.31
N PHE A 132 19.19 -32.85 -28.12
CA PHE A 132 18.66 -31.77 -28.94
C PHE A 132 19.15 -32.03 -30.36
N PRO A 133 18.53 -32.99 -31.08
CA PRO A 133 19.10 -33.47 -32.36
C PRO A 133 18.73 -32.61 -33.56
N VAL A 134 19.16 -31.34 -33.52
CA VAL A 134 19.10 -30.46 -34.69
C VAL A 134 20.02 -31.01 -35.79
N THR A 135 19.54 -30.98 -37.04
CA THR A 135 20.31 -31.46 -38.18
C THR A 135 20.89 -30.32 -39.01
N ASP A 136 21.90 -30.68 -39.80
CA ASP A 136 22.42 -29.77 -40.83
C ASP A 136 21.32 -29.29 -41.75
N ALA A 137 20.41 -30.19 -42.12
CA ALA A 137 19.37 -29.83 -43.07
C ALA A 137 18.44 -28.76 -42.51
N MET A 138 18.13 -28.85 -41.20
CA MET A 138 17.30 -27.83 -40.55
C MET A 138 18.03 -26.50 -40.52
N PHE A 139 19.28 -26.53 -40.07
CA PHE A 139 20.07 -25.31 -40.00
C PHE A 139 20.17 -24.65 -41.36
N GLN A 140 20.44 -25.46 -42.39
CA GLN A 140 20.67 -24.94 -43.72
C GLN A 140 19.39 -24.40 -44.34
N LYS A 141 18.26 -25.05 -44.05
CA LYS A 141 16.99 -24.54 -44.55
C LYS A 141 16.64 -23.21 -43.89
N ILE A 142 16.97 -23.05 -42.60
CA ILE A 142 16.53 -21.84 -41.88
C ILE A 142 17.50 -20.68 -42.13
N MET A 143 18.79 -20.96 -42.19
CA MET A 143 19.75 -19.91 -42.46
C MET A 143 19.94 -19.65 -43.95
N PHE A 144 19.31 -20.46 -44.82
CA PHE A 144 19.45 -20.35 -46.27
C PHE A 144 20.94 -20.33 -46.64
N THR A 145 21.61 -21.42 -46.28
CA THR A 145 23.07 -21.52 -46.32
C THR A 145 23.46 -22.96 -46.59
N LYS A 146 24.68 -23.16 -47.10
CA LYS A 146 25.26 -24.50 -47.17
C LYS A 146 26.20 -24.80 -46.02
N LYS A 147 26.45 -23.83 -45.14
CA LYS A 147 27.24 -24.09 -43.95
C LYS A 147 26.59 -25.18 -43.09
N THR A 148 27.41 -26.04 -42.49
CA THR A 148 26.93 -27.07 -41.57
C THR A 148 26.89 -26.55 -40.14
N LEU A 149 26.19 -27.27 -39.26
CA LEU A 149 26.19 -26.93 -37.84
C LEU A 149 27.60 -26.98 -37.27
N ALA A 150 28.35 -28.03 -37.58
CA ALA A 150 29.70 -28.12 -37.03
C ALA A 150 30.52 -26.91 -37.43
N GLU A 151 30.34 -26.43 -38.67
CA GLU A 151 31.10 -25.27 -39.14
C GLU A 151 30.66 -24.01 -38.41
N ALA A 152 29.35 -23.79 -38.31
CA ALA A 152 28.82 -22.67 -37.54
C ALA A 152 29.33 -22.68 -36.10
N ILE A 153 29.31 -23.84 -35.45
CA ILE A 153 29.81 -23.95 -34.08
C ILE A 153 31.29 -23.63 -34.01
N ALA A 154 32.06 -24.11 -34.98
CA ALA A 154 33.49 -23.85 -34.97
C ALA A 154 33.76 -22.36 -35.10
N GLN A 155 32.85 -21.63 -35.74
CA GLN A 155 32.97 -20.19 -35.88
C GLN A 155 32.36 -19.42 -34.71
N GLY A 156 31.84 -20.11 -33.69
CA GLY A 156 31.20 -19.41 -32.59
C GLY A 156 29.92 -18.69 -32.95
N LYS A 157 29.16 -19.21 -33.93
CA LYS A 157 27.97 -18.53 -34.42
C LYS A 157 26.69 -19.00 -33.73
N LEU A 158 26.71 -20.11 -33.00
CA LEU A 158 25.50 -20.67 -32.42
C LEU A 158 25.43 -20.43 -30.93
N PHE A 159 24.21 -20.22 -30.45
CA PHE A 159 23.91 -19.92 -29.06
C PHE A 159 22.71 -20.74 -28.66
N ILE A 160 22.58 -21.03 -27.38
CA ILE A 160 21.50 -21.90 -26.94
C ILE A 160 20.96 -21.34 -25.63
N THR A 161 19.65 -21.47 -25.42
CA THR A 161 19.07 -21.44 -24.09
C THR A 161 18.54 -22.82 -23.79
N ASN A 162 18.99 -23.40 -22.69
CA ASN A 162 18.57 -24.74 -22.27
C ASN A 162 17.85 -24.59 -20.92
N TYR A 163 16.54 -24.78 -20.92
CA TYR A 163 15.72 -24.63 -19.73
C TYR A 163 15.57 -25.93 -18.94
N LYS A 164 16.59 -26.80 -18.98
CA LYS A 164 16.49 -28.07 -18.26
C LYS A 164 16.28 -27.89 -16.76
N GLY A 165 16.67 -26.75 -16.17
CA GLY A 165 16.40 -26.56 -14.76
C GLY A 165 14.93 -26.61 -14.39
N LEU A 166 14.04 -26.50 -15.37
CA LEU A 166 12.60 -26.61 -15.14
C LEU A 166 12.07 -28.02 -15.36
N ALA A 167 12.92 -28.97 -15.75
CA ALA A 167 12.43 -30.26 -16.19
C ALA A 167 11.75 -31.06 -15.09
N GLU A 168 12.07 -30.82 -13.82
CA GLU A 168 11.50 -31.61 -12.74
C GLU A 168 10.29 -30.97 -12.05
N LEU A 169 9.78 -29.85 -12.58
CA LEU A 169 8.67 -29.17 -11.90
C LEU A 169 7.43 -30.07 -11.89
N SER A 170 6.75 -30.14 -10.74
CA SER A 170 5.38 -30.64 -10.73
C SER A 170 4.45 -29.54 -11.24
N PRO A 171 3.59 -29.83 -12.21
CA PRO A 171 2.74 -28.77 -12.78
C PRO A 171 1.75 -28.22 -11.77
N GLY A 172 1.56 -26.91 -11.79
CA GLY A 172 0.64 -26.31 -10.87
C GLY A 172 -0.79 -26.69 -11.22
N ARG A 173 -1.67 -26.60 -10.22
CA ARG A 173 -3.07 -26.98 -10.33
C ARG A 173 -3.95 -25.79 -10.03
N TYR A 174 -5.17 -25.77 -10.57
CA TYR A 174 -6.11 -24.71 -10.23
C TYR A 174 -7.53 -25.24 -10.42
N GLU A 175 -8.50 -24.52 -9.88
CA GLU A 175 -9.86 -25.04 -9.85
C GLU A 175 -10.83 -23.90 -9.62
N TYR A 176 -12.08 -24.14 -10.00
CA TYR A 176 -13.10 -23.09 -9.99
C TYR A 176 -14.45 -23.73 -10.23
N GLN A 177 -15.51 -23.02 -9.84
CA GLN A 177 -16.87 -23.47 -10.07
C GLN A 177 -17.38 -22.96 -11.41
N LYS A 178 -18.01 -23.85 -12.18
CA LYS A 178 -18.68 -23.48 -13.43
C LYS A 178 -19.95 -24.31 -13.51
N ASN A 179 -21.11 -23.65 -13.36
CA ASN A 179 -22.42 -24.30 -13.35
C ASN A 179 -22.54 -25.26 -12.16
N GLY A 180 -22.29 -24.72 -10.97
CA GLY A 180 -22.52 -25.46 -9.73
C GLY A 180 -21.69 -26.73 -9.56
N THR A 181 -20.51 -26.79 -10.15
CA THR A 181 -19.63 -27.94 -10.01
C THR A 181 -18.18 -27.46 -9.99
N LEU A 182 -17.29 -28.29 -9.45
CA LEU A 182 -15.88 -27.94 -9.35
C LEU A 182 -15.12 -28.51 -10.55
N VAL A 183 -14.55 -27.63 -11.36
CA VAL A 183 -13.65 -27.99 -12.44
C VAL A 183 -12.22 -27.91 -11.91
N GLN A 184 -11.44 -28.97 -12.10
CA GLN A 184 -10.05 -28.95 -11.66
C GLN A 184 -9.16 -29.10 -12.88
N LYS A 185 -8.15 -28.25 -12.99
CA LYS A 185 -7.30 -28.27 -14.16
C LYS A 185 -5.85 -28.24 -13.70
N THR A 186 -4.97 -28.56 -14.65
CA THR A 186 -3.54 -28.58 -14.43
C THR A 186 -2.88 -27.71 -15.48
N LYS A 187 -1.83 -26.99 -15.08
CA LYS A 187 -0.98 -26.32 -16.05
C LYS A 187 -0.12 -27.34 -16.78
N THR A 188 0.45 -26.89 -17.90
CA THR A 188 1.38 -27.67 -18.68
C THR A 188 2.77 -27.08 -18.50
N ILE A 189 3.71 -27.91 -18.04
CA ILE A 189 5.13 -27.59 -17.85
C ILE A 189 5.89 -27.81 -19.14
N ALA A 190 6.97 -27.06 -19.34
CA ALA A 190 7.87 -27.35 -20.44
C ALA A 190 9.26 -26.94 -20.00
N ALA A 191 10.25 -27.57 -20.62
CA ALA A 191 11.65 -27.28 -20.33
C ALA A 191 12.38 -27.28 -21.68
N PRO A 192 12.20 -26.22 -22.47
CA PRO A 192 12.66 -26.24 -23.86
C PRO A 192 14.17 -26.14 -24.01
N LEU A 193 14.63 -26.49 -25.21
CA LEU A 193 15.90 -26.05 -25.75
C LEU A 193 15.63 -25.16 -26.96
N VAL A 194 16.36 -24.04 -27.03
CA VAL A 194 16.22 -23.11 -28.14
C VAL A 194 17.61 -22.85 -28.73
N LEU A 195 17.73 -23.00 -30.05
CA LEU A 195 18.98 -22.74 -30.76
C LEU A 195 18.84 -21.40 -31.48
N TYR A 196 19.88 -20.55 -31.36
CA TYR A 196 19.98 -19.27 -32.01
C TYR A 196 21.25 -19.22 -32.84
N ALA A 197 21.25 -18.37 -33.87
CA ALA A 197 22.46 -18.09 -34.61
C ALA A 197 22.72 -16.59 -34.63
N TRP A 198 23.99 -16.18 -34.54
CA TRP A 198 24.33 -14.81 -34.83
C TRP A 198 24.33 -14.62 -36.34
N LYS A 199 23.56 -13.63 -36.82
CA LYS A 199 23.48 -13.34 -38.24
C LYS A 199 24.12 -11.99 -38.51
N PRO A 200 25.40 -11.95 -38.90
CA PRO A 200 26.09 -10.65 -39.01
C PRO A 200 25.41 -9.72 -39.98
N GLU A 201 24.82 -10.27 -41.05
CA GLU A 201 24.23 -9.46 -42.09
C GLU A 201 22.93 -8.80 -41.64
N GLY A 202 22.35 -9.24 -40.54
CA GLY A 202 21.04 -8.74 -40.17
C GLY A 202 20.10 -8.98 -41.34
N PHE A 203 19.36 -7.94 -41.73
CA PHE A 203 18.40 -8.02 -42.82
C PHE A 203 18.71 -7.06 -43.97
N GLY A 204 19.91 -7.13 -44.53
CA GLY A 204 20.30 -6.25 -45.61
C GLY A 204 20.92 -4.95 -45.14
N ASP A 205 20.14 -4.14 -44.42
CA ASP A 205 20.68 -3.03 -43.64
C ASP A 205 21.33 -3.61 -42.39
N TYR A 206 22.63 -3.37 -42.23
CA TYR A 206 23.56 -4.34 -41.65
C TYR A 206 23.80 -4.21 -40.15
N ARG A 207 22.77 -3.91 -39.35
CA ARG A 207 22.83 -4.17 -37.92
C ARG A 207 22.60 -5.66 -37.69
N GLY A 208 23.64 -6.39 -37.26
CA GLY A 208 23.49 -7.82 -37.04
C GLY A 208 22.61 -8.13 -35.85
N SER A 209 22.10 -9.35 -35.79
N SER A 209 22.08 -9.35 -35.82
CA SER A 209 21.24 -9.72 -34.67
CA SER A 209 21.27 -9.72 -34.66
C SER A 209 21.23 -11.23 -34.48
C SER A 209 21.24 -11.23 -34.48
N LEU A 210 20.84 -11.64 -33.28
CA LEU A 210 20.51 -13.03 -33.03
C LEU A 210 19.25 -13.42 -33.78
N ALA A 211 19.21 -14.64 -34.29
CA ALA A 211 18.00 -15.16 -34.93
C ALA A 211 17.68 -16.55 -34.41
N PRO A 212 16.41 -16.83 -34.10
CA PRO A 212 16.06 -18.17 -33.59
C PRO A 212 16.03 -19.17 -34.74
N ILE A 213 16.54 -20.38 -34.48
CA ILE A 213 16.68 -21.43 -35.48
C ILE A 213 15.75 -22.58 -35.20
N ALA A 214 15.70 -23.00 -33.92
CA ALA A 214 15.00 -24.26 -33.62
C ALA A 214 14.57 -24.26 -32.17
N ILE A 215 13.41 -24.87 -31.90
CA ILE A 215 12.88 -25.03 -30.55
C ILE A 215 12.39 -26.45 -30.39
N GLN A 216 12.88 -27.11 -29.35
CA GLN A 216 12.36 -28.39 -28.85
C GLN A 216 11.73 -28.09 -27.49
N ILE A 217 10.41 -28.30 -27.38
CA ILE A 217 9.70 -27.79 -26.22
C ILE A 217 10.05 -28.55 -24.94
N ASN A 218 10.35 -29.85 -25.01
CA ASN A 218 10.73 -30.60 -23.82
C ASN A 218 12.10 -31.25 -24.00
N GLN A 219 12.61 -31.85 -22.91
CA GLN A 219 14.02 -32.23 -22.84
C GLN A 219 14.35 -33.51 -23.59
N GLN A 220 13.42 -34.48 -23.67
CA GLN A 220 13.74 -35.77 -24.26
C GLN A 220 13.17 -35.87 -25.66
N PRO A 221 14.01 -36.00 -26.68
CA PRO A 221 13.54 -35.85 -28.08
C PRO A 221 12.61 -36.99 -28.47
N ASP A 222 11.61 -36.66 -29.28
CA ASP A 222 10.77 -37.67 -29.88
C ASP A 222 10.22 -37.05 -31.15
N PRO A 223 10.40 -37.70 -32.31
CA PRO A 223 9.86 -37.12 -33.56
C PRO A 223 8.37 -36.85 -33.55
N ILE A 224 7.59 -37.53 -32.70
CA ILE A 224 6.12 -37.40 -32.69
C ILE A 224 5.64 -36.50 -31.57
N THR A 225 6.06 -36.80 -30.33
CA THR A 225 5.51 -36.13 -29.17
C THR A 225 6.37 -34.97 -28.70
N ASN A 226 7.58 -34.80 -29.26
CA ASN A 226 8.44 -33.71 -28.84
C ASN A 226 9.39 -33.35 -29.99
N PRO A 227 8.86 -32.95 -31.14
CA PRO A 227 9.71 -32.69 -32.30
C PRO A 227 10.42 -31.35 -32.21
N ILE A 228 11.32 -31.13 -33.14
CA ILE A 228 12.02 -29.86 -33.24
C ILE A 228 11.24 -28.97 -34.20
N TYR A 229 10.83 -27.79 -33.73
CA TYR A 229 10.14 -26.83 -34.56
C TYR A 229 11.14 -25.79 -35.06
N THR A 230 10.89 -25.26 -36.25
CA THR A 230 11.67 -24.17 -36.81
C THR A 230 10.74 -23.12 -37.36
N PRO A 231 11.28 -21.97 -37.79
CA PRO A 231 10.41 -20.95 -38.39
C PRO A 231 9.64 -21.43 -39.61
N ARG A 232 10.01 -22.57 -40.23
CA ARG A 232 9.22 -23.06 -41.36
C ARG A 232 7.90 -23.65 -40.93
N ASP A 233 7.64 -23.74 -39.64
CA ASP A 233 6.51 -24.51 -39.15
C ASP A 233 5.30 -23.65 -38.81
N GLY A 234 5.26 -22.42 -39.31
CA GLY A 234 4.01 -21.67 -39.30
C GLY A 234 3.48 -21.42 -37.90
N LYS A 235 2.20 -21.74 -37.70
CA LYS A 235 1.60 -21.50 -36.39
C LYS A 235 2.19 -22.40 -35.31
N HIS A 236 2.71 -23.57 -35.69
CA HIS A 236 3.38 -24.44 -34.73
C HIS A 236 4.66 -23.78 -34.17
N TRP A 237 5.34 -23.01 -35.02
CA TRP A 237 6.49 -22.22 -34.60
C TRP A 237 6.10 -21.13 -33.60
N PHE A 238 5.00 -20.45 -33.88
CA PHE A 238 4.51 -19.43 -32.96
C PHE A 238 4.22 -20.02 -31.59
N ILE A 239 3.58 -21.19 -31.57
CA ILE A 239 3.29 -21.84 -30.29
C ILE A 239 4.57 -22.28 -29.60
N ALA A 240 5.52 -22.79 -30.36
CA ALA A 240 6.78 -23.21 -29.74
C ALA A 240 7.45 -22.03 -29.03
N LYS A 241 7.41 -20.84 -29.64
CA LYS A 241 7.94 -19.65 -29.01
C LYS A 241 7.20 -19.30 -27.73
N ILE A 242 5.89 -19.46 -27.71
CA ILE A 242 5.13 -19.22 -26.49
C ILE A 242 5.66 -20.08 -25.35
N PHE A 243 5.87 -21.37 -25.62
CA PHE A 243 6.36 -22.26 -24.55
C PHE A 243 7.77 -21.88 -24.12
N ALA A 244 8.61 -21.48 -25.07
CA ALA A 244 9.95 -21.05 -24.72
C ALA A 244 9.93 -19.77 -23.88
N GLN A 245 9.02 -18.86 -24.21
CA GLN A 245 8.90 -17.63 -23.46
C GLN A 245 8.37 -17.89 -22.06
N MET A 246 7.41 -18.80 -21.94
CA MET A 246 6.91 -19.17 -20.63
C MET A 246 8.05 -19.72 -19.79
N ALA A 247 8.89 -20.54 -20.41
CA ALA A 247 10.01 -21.12 -19.67
C ALA A 247 10.99 -20.04 -19.25
N ASP A 248 11.27 -19.10 -20.15
CA ASP A 248 12.15 -17.99 -19.81
C ASP A 248 11.57 -17.17 -18.66
N GLY A 249 10.26 -17.02 -18.63
CA GLY A 249 9.64 -16.24 -17.57
C GLY A 249 9.64 -16.94 -16.23
N ASN A 250 9.57 -18.26 -16.22
CA ASN A 250 9.69 -18.99 -14.96
C ASN A 250 11.11 -18.97 -14.44
N CYS A 251 12.08 -19.14 -15.33
CA CYS A 251 13.46 -18.98 -14.94
C CYS A 251 13.72 -17.55 -14.48
N HIS A 252 13.13 -16.59 -15.16
CA HIS A 252 13.26 -15.21 -14.74
C HIS A 252 12.79 -15.01 -13.31
N GLU A 253 11.53 -15.34 -13.05
CA GLU A 253 10.98 -14.96 -11.74
C GLU A 253 11.60 -15.76 -10.62
N ALA A 254 11.75 -17.07 -10.80
CA ALA A 254 12.25 -17.87 -9.69
C ALA A 254 13.76 -17.73 -9.52
N ILE A 255 14.52 -17.73 -10.61
CA ILE A 255 15.96 -17.82 -10.50
C ILE A 255 16.60 -16.43 -10.57
N SER A 256 16.39 -15.69 -11.67
CA SER A 256 17.12 -14.45 -11.89
C SER A 256 16.63 -13.31 -11.01
N HIS A 257 15.34 -13.25 -10.74
CA HIS A 257 14.78 -12.15 -9.96
C HIS A 257 14.66 -12.50 -8.47
N LEU A 258 13.77 -13.42 -8.09
CA LEU A 258 13.58 -13.70 -6.68
C LEU A 258 14.84 -14.26 -6.03
N ALA A 259 15.39 -15.35 -6.58
CA ALA A 259 16.53 -15.96 -5.91
C ALA A 259 17.76 -15.06 -5.94
N ARG A 260 18.17 -14.59 -7.12
CA ARG A 260 19.51 -14.06 -7.29
C ARG A 260 19.58 -12.53 -7.30
N THR A 261 18.52 -11.85 -6.88
CA THR A 261 18.69 -10.50 -6.40
C THR A 261 18.13 -10.43 -4.97
N HIS A 262 16.79 -10.36 -4.83
CA HIS A 262 16.14 -10.30 -3.53
C HIS A 262 16.71 -11.24 -2.46
N LEU A 263 16.66 -12.55 -2.68
CA LEU A 263 16.87 -13.45 -1.55
C LEU A 263 18.34 -13.69 -1.24
N ILE A 264 19.24 -13.58 -2.22
CA ILE A 264 20.65 -13.69 -1.85
C ILE A 264 21.17 -12.43 -1.15
N LEU A 265 20.46 -11.30 -1.25
CA LEU A 265 20.87 -10.12 -0.48
C LEU A 265 20.50 -10.25 0.99
N GLU A 266 19.46 -11.01 1.31
CA GLU A 266 18.99 -11.06 2.70
C GLU A 266 20.09 -11.44 3.70
N PRO A 267 20.94 -12.46 3.46
CA PRO A 267 21.99 -12.75 4.46
C PRO A 267 22.99 -11.62 4.64
N PHE A 268 23.28 -10.86 3.59
CA PHE A 268 24.19 -9.73 3.73
C PHE A 268 23.59 -8.62 4.56
N VAL A 269 22.31 -8.31 4.36
CA VAL A 269 21.69 -7.30 5.22
C VAL A 269 21.76 -7.74 6.67
N LEU A 270 21.43 -9.02 6.93
CA LEU A 270 21.36 -9.47 8.32
C LEU A 270 22.73 -9.55 8.95
N ALA A 271 23.74 -10.01 8.21
CA ALA A 271 25.08 -10.11 8.77
C ALA A 271 25.63 -8.73 9.12
N THR A 272 25.38 -7.76 8.24
CA THR A 272 25.77 -6.37 8.52
C THR A 272 25.19 -5.89 9.86
N ALA A 273 23.89 -6.19 10.09
CA ALA A 273 23.26 -5.80 11.35
C ALA A 273 23.80 -6.61 12.53
N ASN A 274 24.04 -7.89 12.34
CA ASN A 274 24.41 -8.77 13.44
C ASN A 274 25.88 -8.73 13.81
N GLU A 275 26.72 -8.08 13.01
CA GLU A 275 28.16 -8.15 13.28
C GLU A 275 28.88 -6.81 13.18
N LEU A 276 28.30 -5.78 12.56
CA LEU A 276 29.01 -4.54 12.30
C LEU A 276 28.38 -3.40 13.09
N ALA A 277 29.23 -2.68 13.83
CA ALA A 277 28.78 -1.52 14.56
C ALA A 277 28.25 -0.48 13.58
N PRO A 278 27.41 0.45 14.06
CA PRO A 278 26.87 1.50 13.17
C PRO A 278 27.94 2.37 12.56
N ASN A 279 29.08 2.56 13.23
CA ASN A 279 30.16 3.37 12.71
C ASN A 279 31.25 2.52 12.05
N HIS A 280 30.95 1.27 11.75
CA HIS A 280 31.88 0.48 10.97
C HIS A 280 31.87 0.95 9.53
N PRO A 281 33.03 1.22 8.93
CA PRO A 281 33.05 1.73 7.54
C PRO A 281 32.31 0.86 6.54
N LEU A 282 32.37 -0.47 6.68
CA LEU A 282 31.68 -1.34 5.74
C LEU A 282 30.17 -1.22 5.88
N SER A 283 29.67 -1.12 7.11
CA SER A 283 28.23 -0.90 7.32
C SER A 283 27.78 0.41 6.69
N VAL A 284 28.55 1.48 6.91
CA VAL A 284 28.22 2.79 6.34
C VAL A 284 28.22 2.74 4.81
N LEU A 285 29.16 1.97 4.23
CA LEU A 285 29.21 1.78 2.77
C LEU A 285 27.96 1.09 2.26
N LEU A 286 27.57 0.00 2.91
CA LEU A 286 26.62 -0.95 2.35
C LEU A 286 25.17 -0.63 2.69
N LYS A 287 24.91 0.02 3.82
CA LYS A 287 23.52 0.22 4.22
C LYS A 287 22.69 1.03 3.23
N PRO A 288 23.19 2.06 2.53
CA PRO A 288 22.34 2.72 1.53
C PRO A 288 21.84 1.76 0.46
N HIS A 289 22.60 0.71 0.20
CA HIS A 289 22.28 -0.24 -0.85
C HIS A 289 21.40 -1.37 -0.33
N PHE A 290 21.02 -1.31 0.94
CA PHE A 290 20.06 -2.21 1.56
C PHE A 290 18.74 -1.52 1.90
N GLN A 291 18.55 -0.25 1.56
CA GLN A 291 17.35 0.45 1.97
C GLN A 291 16.10 -0.23 1.42
N PHE A 292 15.16 -0.53 2.32
CA PHE A 292 13.89 -1.21 1.99
C PHE A 292 14.09 -2.67 1.56
N THR A 293 15.31 -3.21 1.62
CA THR A 293 15.50 -4.57 1.12
C THR A 293 14.86 -5.60 2.04
N LEU A 294 15.06 -5.48 3.35
CA LEU A 294 14.38 -6.43 4.23
C LEU A 294 12.86 -6.33 4.05
N ALA A 295 12.36 -5.10 3.95
CA ALA A 295 10.92 -4.89 3.87
C ALA A 295 10.33 -5.48 2.59
N ILE A 296 11.01 -5.27 1.44
CA ILE A 296 10.47 -5.80 0.19
C ILE A 296 10.53 -7.32 0.20
N ASN A 297 11.56 -7.90 0.87
CA ASN A 297 11.62 -9.35 1.01
C ASN A 297 10.55 -9.89 1.96
N GLU A 298 10.13 -9.10 2.94
CA GLU A 298 8.97 -9.51 3.75
C GLU A 298 7.68 -9.46 2.92
N LEU A 299 7.51 -8.46 2.04
CA LEU A 299 6.35 -8.50 1.16
C LEU A 299 6.40 -9.71 0.23
N ALA A 300 7.59 -10.09 -0.24
CA ALA A 300 7.69 -11.26 -1.10
C ALA A 300 7.28 -12.51 -0.33
N ARG A 301 7.73 -12.61 0.93
CA ARG A 301 7.29 -13.71 1.79
C ARG A 301 5.77 -13.75 1.89
N GLU A 302 5.14 -12.58 2.08
CA GLU A 302 3.70 -12.52 2.37
C GLU A 302 2.85 -12.65 1.11
N GLN A 303 3.32 -12.13 0.00
CA GLN A 303 2.47 -11.89 -1.16
C GLN A 303 2.91 -12.65 -2.39
N LEU A 304 4.21 -12.96 -2.50
CA LEU A 304 4.78 -13.62 -3.67
C LEU A 304 4.95 -15.12 -3.50
N ILE A 305 5.53 -15.58 -2.40
CA ILE A 305 5.82 -17.01 -2.26
C ILE A 305 4.94 -17.67 -1.21
N SER A 306 3.83 -17.06 -0.85
CA SER A 306 2.85 -17.60 0.07
C SER A 306 1.82 -18.46 -0.64
N ALA A 307 1.18 -19.36 0.11
CA ALA A 307 0.04 -20.07 -0.45
C ALA A 307 -1.00 -19.06 -0.91
N GLY A 308 -1.47 -19.23 -2.15
CA GLY A 308 -2.40 -18.32 -2.77
C GLY A 308 -1.82 -17.01 -3.26
N GLY A 309 -0.50 -16.84 -3.19
CA GLY A 309 0.14 -15.63 -3.65
C GLY A 309 0.39 -15.66 -5.14
N TYR A 310 1.20 -14.70 -5.60
CA TYR A 310 1.40 -14.58 -7.04
C TYR A 310 2.10 -15.81 -7.61
N ALA A 311 3.16 -16.29 -6.95
CA ALA A 311 3.90 -17.42 -7.51
C ALA A 311 2.99 -18.64 -7.63
N ASP A 312 2.19 -18.89 -6.59
CA ASP A 312 1.24 -19.99 -6.58
C ASP A 312 0.26 -19.86 -7.74
N ASP A 313 -0.31 -18.65 -7.93
CA ASP A 313 -1.34 -18.45 -8.95
C ASP A 313 -0.77 -18.51 -10.37
N LEU A 314 0.42 -17.93 -10.58
CA LEU A 314 0.83 -17.56 -11.92
C LEU A 314 1.88 -18.46 -12.56
N LEU A 315 2.79 -19.05 -11.78
CA LEU A 315 3.90 -19.77 -12.35
C LEU A 315 3.49 -21.16 -12.83
N ALA A 316 4.44 -21.82 -13.51
CA ALA A 316 4.14 -23.09 -14.17
C ALA A 316 3.96 -24.21 -13.16
N GLY A 317 4.76 -24.22 -12.12
CA GLY A 317 4.78 -25.36 -11.21
C GLY A 317 3.87 -25.13 -10.02
N THR A 318 3.70 -26.17 -9.20
CA THR A 318 3.16 -25.97 -7.88
C THR A 318 4.04 -24.99 -7.11
N LEU A 319 3.47 -24.34 -6.10
CA LEU A 319 4.25 -23.49 -5.23
C LEU A 319 5.45 -24.25 -4.67
N GLU A 320 5.25 -25.49 -4.23
CA GLU A 320 6.34 -26.30 -3.70
C GLU A 320 7.44 -26.49 -4.75
N ALA A 321 7.06 -26.76 -6.00
CA ALA A 321 8.05 -26.86 -7.07
C ALA A 321 8.78 -25.54 -7.32
N SER A 322 8.05 -24.42 -7.34
CA SER A 322 8.71 -23.14 -7.57
C SER A 322 9.70 -22.81 -6.46
N ILE A 323 9.33 -23.11 -5.21
CA ILE A 323 10.21 -22.84 -4.07
C ILE A 323 11.45 -23.71 -4.15
N ALA A 324 11.31 -24.95 -4.66
CA ALA A 324 12.49 -25.79 -4.82
C ALA A 324 13.46 -25.20 -5.84
N VAL A 325 12.93 -24.72 -6.97
CA VAL A 325 13.78 -24.05 -7.95
C VAL A 325 14.47 -22.83 -7.34
N ILE A 326 13.72 -22.03 -6.57
CA ILE A 326 14.29 -20.85 -5.94
C ILE A 326 15.44 -21.24 -5.01
N LYS A 327 15.22 -22.26 -4.19
CA LYS A 327 16.23 -22.64 -3.19
C LYS A 327 17.47 -23.23 -3.85
N ALA A 328 17.29 -23.99 -4.94
CA ALA A 328 18.44 -24.52 -5.64
C ALA A 328 19.25 -23.43 -6.33
N ALA A 329 18.57 -22.38 -6.80
CA ALA A 329 19.27 -21.24 -7.41
C ALA A 329 20.02 -20.41 -6.37
N ILE A 330 19.42 -20.20 -5.19
CA ILE A 330 20.14 -19.57 -4.09
C ILE A 330 21.39 -20.35 -3.75
N LYS A 331 21.23 -21.66 -3.55
CA LYS A 331 22.32 -22.50 -3.07
C LYS A 331 23.48 -22.46 -4.06
N GLU A 332 23.20 -22.61 -5.34
CA GLU A 332 24.27 -22.59 -6.34
C GLU A 332 24.99 -21.24 -6.36
N TYR A 333 24.21 -20.15 -6.23
CA TYR A 333 24.82 -18.81 -6.12
C TYR A 333 25.73 -18.71 -4.89
N MET A 334 25.20 -19.00 -3.69
CA MET A 334 25.97 -18.84 -2.47
C MET A 334 27.19 -19.77 -2.45
N ASP A 335 27.04 -21.01 -2.91
CA ASP A 335 28.14 -21.97 -2.96
C ASP A 335 29.26 -21.49 -3.87
N ASN A 336 28.93 -20.65 -4.87
CA ASN A 336 29.88 -20.26 -5.90
C ASN A 336 29.95 -18.73 -6.01
N PHE A 337 29.82 -18.05 -4.86
CA PHE A 337 29.50 -16.63 -4.87
C PHE A 337 30.41 -15.84 -5.80
N THR A 338 31.74 -15.98 -5.65
CA THR A 338 32.56 -15.08 -6.45
C THR A 338 32.54 -15.45 -7.93
N GLU A 339 32.14 -16.68 -8.28
CA GLU A 339 31.98 -17.02 -9.69
C GLU A 339 30.74 -16.40 -10.31
N PHE A 340 29.91 -15.77 -9.50
CA PHE A 340 28.78 -15.02 -10.08
C PHE A 340 29.06 -13.52 -10.19
N ALA A 341 30.28 -13.08 -9.88
CA ALA A 341 30.68 -11.73 -10.27
C ALA A 341 30.41 -11.55 -11.76
N LEU A 342 29.96 -10.35 -12.15
CA LEU A 342 29.49 -10.17 -13.53
C LEU A 342 30.49 -10.63 -14.58
N PRO A 343 31.77 -10.24 -14.54
CA PRO A 343 32.66 -10.68 -15.64
C PRO A 343 32.78 -12.20 -15.69
N ARG A 344 32.78 -12.86 -14.53
CA ARG A 344 32.99 -14.29 -14.50
C ARG A 344 31.74 -15.04 -14.94
N GLU A 345 30.58 -14.50 -14.55
CA GLU A 345 29.32 -15.11 -14.95
C GLU A 345 29.18 -15.08 -16.46
N LEU A 346 29.46 -13.91 -17.06
CA LEU A 346 29.38 -13.79 -18.50
C LEU A 346 30.37 -14.71 -19.18
N ALA A 347 31.61 -14.76 -18.67
CA ALA A 347 32.58 -15.61 -19.33
C ALA A 347 32.18 -17.08 -19.24
N ARG A 348 31.54 -17.49 -18.12
CA ARG A 348 31.11 -18.88 -18.00
C ARG A 348 30.05 -19.23 -19.04
N ARG A 349 29.27 -18.23 -19.49
CA ARG A 349 28.33 -18.53 -20.56
C ARG A 349 28.92 -18.33 -21.96
N GLY A 350 30.21 -18.01 -22.04
CA GLY A 350 30.81 -17.85 -23.34
C GLY A 350 30.49 -16.53 -24.00
N VAL A 351 29.97 -15.56 -23.24
CA VAL A 351 29.48 -14.31 -23.80
C VAL A 351 30.09 -13.09 -23.09
N GLY A 352 31.27 -13.26 -22.48
CA GLY A 352 31.94 -12.15 -21.84
C GLY A 352 32.71 -11.29 -22.84
N ILE A 353 33.34 -10.23 -22.31
CA ILE A 353 34.05 -9.31 -23.18
C ILE A 353 35.28 -9.97 -23.78
N GLY A 354 35.80 -11.03 -23.15
CA GLY A 354 36.90 -11.77 -23.71
C GLY A 354 36.52 -12.82 -24.75
N ASP A 355 35.23 -13.08 -24.96
CA ASP A 355 34.81 -14.12 -25.90
C ASP A 355 34.74 -13.54 -27.31
N VAL A 356 35.89 -13.52 -27.98
CA VAL A 356 36.05 -12.84 -29.26
C VAL A 356 36.64 -13.77 -30.32
N ASP A 357 36.35 -13.45 -31.58
CA ASP A 357 36.82 -14.21 -32.72
C ASP A 357 38.23 -13.76 -33.07
N GLN A 358 38.79 -14.31 -34.16
CA GLN A 358 40.19 -14.07 -34.46
C GLN A 358 40.49 -12.59 -34.76
N ARG A 359 39.47 -11.81 -35.11
CA ARG A 359 39.63 -10.41 -35.41
C ARG A 359 39.38 -9.51 -34.21
N GLY A 360 39.18 -10.07 -33.02
CA GLY A 360 38.90 -9.29 -31.84
C GLY A 360 37.46 -8.90 -31.62
N GLU A 361 36.54 -9.34 -32.47
CA GLU A 361 35.13 -8.97 -32.34
C GLU A 361 34.41 -10.00 -31.49
N ASN A 362 33.49 -9.53 -30.65
CA ASN A 362 32.74 -10.46 -29.81
C ASN A 362 31.92 -11.41 -30.65
N PHE A 363 31.87 -12.69 -30.25
CA PHE A 363 30.96 -13.59 -30.92
C PHE A 363 29.51 -13.12 -30.81
N LEU A 364 29.17 -12.33 -29.78
CA LEU A 364 27.82 -11.80 -29.62
C LEU A 364 27.93 -10.30 -29.48
N PRO A 365 28.06 -9.58 -30.59
CA PRO A 365 28.31 -8.13 -30.53
C PRO A 365 27.16 -7.32 -29.94
N ASP A 366 25.92 -7.74 -30.17
CA ASP A 366 24.72 -7.00 -29.76
C ASP A 366 24.29 -7.61 -28.42
N TYR A 367 24.75 -7.04 -27.31
CA TYR A 367 24.39 -7.56 -25.98
C TYR A 367 24.30 -6.39 -25.00
N PRO A 368 23.21 -5.61 -25.07
CA PRO A 368 23.12 -4.37 -24.27
C PRO A 368 23.22 -4.58 -22.78
N TYR A 369 22.67 -5.67 -22.24
CA TYR A 369 22.84 -5.94 -20.82
C TYR A 369 24.32 -6.03 -20.46
N ARG A 370 25.10 -6.81 -21.23
CA ARG A 370 26.51 -6.95 -20.91
C ARG A 370 27.24 -5.61 -20.98
N ASP A 371 27.03 -4.89 -22.09
CA ASP A 371 27.73 -3.62 -22.32
C ASP A 371 27.47 -2.64 -21.17
N ASP A 372 26.19 -2.47 -20.83
CA ASP A 372 25.86 -1.45 -19.86
C ASP A 372 26.12 -1.92 -18.42
N ALA A 373 25.92 -3.22 -18.13
CA ALA A 373 26.25 -3.73 -16.81
C ALA A 373 27.74 -3.67 -16.55
N MET A 374 28.60 -3.93 -17.56
CA MET A 374 30.04 -3.82 -17.34
C MET A 374 30.44 -2.39 -17.01
N LEU A 375 29.80 -1.41 -17.64
CA LEU A 375 30.08 -0.02 -17.25
C LEU A 375 29.79 0.21 -15.76
N LEU A 376 28.64 -0.29 -15.32
CA LEU A 376 28.23 -0.05 -13.93
C LEU A 376 29.08 -0.86 -12.96
N TRP A 377 29.33 -2.13 -13.27
CA TRP A 377 30.25 -2.96 -12.50
C TRP A 377 31.59 -2.27 -12.29
N ASN A 378 32.22 -1.80 -13.37
CA ASN A 378 33.54 -1.19 -13.25
C ASN A 378 33.51 0.11 -12.44
N ALA A 379 32.43 0.90 -12.59
CA ALA A 379 32.33 2.15 -11.82
C ALA A 379 32.11 1.88 -10.34
N ILE A 380 31.29 0.89 -10.00
CA ILE A 380 31.08 0.51 -8.61
C ILE A 380 32.38 0.00 -8.00
N GLU A 381 33.12 -0.83 -8.74
CA GLU A 381 34.39 -1.35 -8.26
C GLU A 381 35.36 -0.22 -7.92
N VAL A 382 35.46 0.80 -8.78
CA VAL A 382 36.34 1.94 -8.50
C VAL A 382 35.85 2.70 -7.26
N TYR A 383 34.53 2.89 -7.16
CA TYR A 383 33.93 3.54 -6.00
C TYR A 383 34.24 2.77 -4.71
N VAL A 384 34.02 1.47 -4.70
CA VAL A 384 34.26 0.63 -3.54
C VAL A 384 35.74 0.64 -3.18
N ARG A 385 36.63 0.48 -4.17
CA ARG A 385 38.05 0.43 -3.87
C ARG A 385 38.53 1.75 -3.28
N ASP A 386 38.10 2.86 -3.88
CA ASP A 386 38.50 4.15 -3.37
C ASP A 386 37.93 4.44 -1.99
N TYR A 387 36.70 3.98 -1.72
CA TYR A 387 36.13 4.11 -0.39
C TYR A 387 36.89 3.28 0.64
N LEU A 388 37.08 1.99 0.37
CA LEU A 388 37.65 1.14 1.40
C LEU A 388 39.10 1.50 1.67
N SER A 389 39.78 2.07 0.67
CA SER A 389 41.16 2.51 0.86
C SER A 389 41.29 3.61 1.90
N LEU A 390 40.19 4.33 2.20
CA LEU A 390 40.24 5.34 3.27
C LEU A 390 40.38 4.72 4.64
N TYR A 391 39.99 3.46 4.79
CA TYR A 391 39.92 2.83 6.09
C TYR A 391 40.86 1.64 6.23
N TYR A 392 41.16 0.94 5.14
CA TYR A 392 42.08 -0.19 5.12
C TYR A 392 43.24 0.16 4.19
N GLN A 393 44.36 0.60 4.76
CA GLN A 393 45.55 0.81 3.94
C GLN A 393 46.44 -0.42 3.89
N SER A 394 46.29 -1.35 4.83
CA SER A 394 47.12 -2.53 4.84
C SER A 394 46.31 -3.76 5.20
N PRO A 395 46.67 -4.93 4.66
CA PRO A 395 45.88 -6.14 4.92
C PRO A 395 45.81 -6.58 6.38
N VAL A 396 46.77 -6.20 7.24
CA VAL A 396 46.65 -6.65 8.63
C VAL A 396 45.40 -6.04 9.24
N GLN A 397 45.00 -4.85 8.79
CA GLN A 397 43.81 -4.17 9.30
C GLN A 397 42.54 -4.93 8.93
N ILE A 398 42.52 -5.59 7.76
CA ILE A 398 41.46 -6.54 7.43
C ILE A 398 41.45 -7.68 8.44
N ARG A 399 42.63 -8.25 8.70
CA ARG A 399 42.69 -9.46 9.53
C ARG A 399 42.40 -9.17 11.00
N GLN A 400 42.77 -7.98 11.48
CA GLN A 400 42.56 -7.60 12.88
C GLN A 400 41.22 -6.90 13.10
N ASP A 401 40.40 -6.75 12.08
CA ASP A 401 39.08 -6.18 12.24
C ASP A 401 38.17 -7.31 12.72
N THR A 402 37.91 -7.34 14.04
CA THR A 402 37.15 -8.45 14.61
C THR A 402 35.71 -8.42 14.15
N GLU A 403 35.14 -7.23 13.93
CA GLU A 403 33.77 -7.14 13.43
C GLU A 403 33.66 -7.72 12.02
N LEU A 404 34.56 -7.29 11.14
CA LEU A 404 34.60 -7.82 9.78
C LEU A 404 34.78 -9.34 9.76
N GLN A 405 35.68 -9.86 10.61
CA GLN A 405 35.88 -11.32 10.64
C GLN A 405 34.62 -12.03 11.11
N ASN A 406 33.89 -11.42 12.06
CA ASN A 406 32.63 -11.99 12.51
C ASN A 406 31.56 -11.95 11.42
N TRP A 407 31.56 -10.88 10.61
CA TRP A 407 30.64 -10.70 9.50
C TRP A 407 30.83 -11.81 8.46
N VAL A 408 32.09 -12.11 8.14
CA VAL A 408 32.37 -13.25 7.28
C VAL A 408 31.92 -14.57 7.93
N ARG A 409 32.28 -14.79 9.19
CA ARG A 409 31.93 -16.08 9.81
C ARG A 409 30.42 -16.28 9.83
N ARG A 410 29.68 -15.22 10.09
CA ARG A 410 28.21 -15.27 10.06
C ARG A 410 27.72 -15.71 8.69
N LEU A 411 28.25 -15.06 7.63
CA LEU A 411 27.77 -15.36 6.28
C LEU A 411 28.08 -16.80 5.88
N VAL A 412 29.28 -17.28 6.18
CA VAL A 412 29.59 -18.61 5.71
C VAL A 412 28.90 -19.69 6.56
N SER A 413 28.44 -19.35 7.77
CA SER A 413 27.87 -20.34 8.67
C SER A 413 26.55 -20.90 8.12
N PRO A 414 26.18 -22.13 8.51
CA PRO A 414 24.91 -22.70 8.03
C PRO A 414 23.69 -21.88 8.39
N GLU A 415 23.69 -21.23 9.54
CA GLU A 415 22.54 -20.47 10.00
C GLU A 415 22.56 -19.03 9.51
N GLY A 416 23.62 -18.61 8.83
CA GLY A 416 23.79 -17.22 8.46
C GLY A 416 23.79 -16.94 6.97
N GLY A 417 23.47 -17.95 6.16
CA GLY A 417 23.42 -17.80 4.73
C GLY A 417 24.16 -18.86 3.94
N ARG A 418 25.08 -19.56 4.61
CA ARG A 418 25.80 -20.66 3.97
C ARG A 418 26.52 -20.18 2.71
N VAL A 419 27.09 -18.98 2.78
CA VAL A 419 27.80 -18.44 1.63
C VAL A 419 29.19 -19.06 1.59
N THR A 420 29.24 -20.36 1.29
CA THR A 420 30.50 -21.07 1.30
C THR A 420 31.44 -20.66 0.16
N GLY A 421 30.97 -19.90 -0.83
CA GLY A 421 31.89 -19.42 -1.84
C GLY A 421 32.35 -18.00 -1.65
N LEU A 422 32.18 -17.47 -0.43
CA LEU A 422 32.47 -16.07 -0.15
C LEU A 422 33.97 -15.80 -0.12
N VAL A 423 34.74 -16.65 0.59
CA VAL A 423 36.16 -16.39 0.80
C VAL A 423 36.98 -17.65 0.52
N SER A 424 38.30 -17.46 0.40
CA SER A 424 39.26 -18.53 0.23
C SER A 424 39.90 -18.79 1.59
N ASN A 425 40.43 -20.02 1.79
CA ASN A 425 41.23 -20.34 2.95
C ASN A 425 40.44 -20.26 4.25
N GLY A 426 39.11 -20.20 4.16
CA GLY A 426 38.29 -20.17 5.32
C GLY A 426 38.17 -18.82 6.02
N GLU A 427 38.77 -17.75 5.48
CA GLU A 427 38.88 -16.47 6.18
C GLU A 427 39.14 -15.35 5.19
N LEU A 428 38.62 -14.15 5.51
CA LEU A 428 38.93 -12.94 4.75
C LEU A 428 40.26 -12.35 5.18
N ASN A 429 41.24 -12.32 4.27
CA ASN A 429 42.59 -11.94 4.63
C ASN A 429 43.13 -10.71 3.88
N THR A 430 42.47 -10.25 2.81
CA THR A 430 42.99 -9.16 1.99
C THR A 430 41.93 -8.09 1.74
N ILE A 431 42.43 -6.89 1.42
CA ILE A 431 41.58 -5.78 1.00
C ILE A 431 40.94 -6.06 -0.35
N GLU A 432 41.70 -6.58 -1.31
CA GLU A 432 41.12 -6.76 -2.64
C GLU A 432 39.98 -7.78 -2.62
N ALA A 433 40.02 -8.77 -1.72
CA ALA A 433 38.91 -9.70 -1.61
C ALA A 433 37.66 -9.01 -1.09
N LEU A 434 37.82 -8.13 -0.11
CA LEU A 434 36.69 -7.37 0.39
C LEU A 434 36.14 -6.41 -0.67
N VAL A 435 37.01 -5.77 -1.44
CA VAL A 435 36.56 -4.92 -2.54
C VAL A 435 35.67 -5.71 -3.49
N ALA A 436 36.08 -6.95 -3.83
CA ALA A 436 35.26 -7.73 -4.76
C ALA A 436 33.93 -8.15 -4.16
N ILE A 437 33.91 -8.45 -2.85
CA ILE A 437 32.65 -8.82 -2.20
C ILE A 437 31.70 -7.62 -2.21
N ALA A 438 32.19 -6.47 -1.77
CA ALA A 438 31.30 -5.32 -1.66
C ALA A 438 30.88 -4.82 -3.04
N THR A 439 31.78 -4.88 -4.03
CA THR A 439 31.39 -4.57 -5.39
C THR A 439 30.24 -5.47 -5.84
N GLN A 440 30.34 -6.76 -5.57
CA GLN A 440 29.29 -7.66 -6.04
C GLN A 440 27.96 -7.40 -5.34
N VAL A 441 27.98 -7.15 -4.02
CA VAL A 441 26.74 -6.90 -3.29
C VAL A 441 26.05 -5.64 -3.82
N ILE A 442 26.84 -4.58 -4.03
CA ILE A 442 26.25 -3.32 -4.50
C ILE A 442 25.74 -3.49 -5.93
N PHE A 443 26.52 -4.16 -6.77
CA PHE A 443 26.09 -4.42 -8.13
C PHE A 443 24.77 -5.15 -8.16
N VAL A 444 24.64 -6.21 -7.36
CA VAL A 444 23.40 -7.00 -7.35
C VAL A 444 22.25 -6.14 -6.90
N SER A 445 22.47 -5.38 -5.81
CA SER A 445 21.38 -4.66 -5.17
C SER A 445 20.81 -3.57 -6.08
N GLY A 446 21.67 -2.86 -6.81
CA GLY A 446 21.25 -1.80 -7.69
C GLY A 446 21.10 -2.26 -9.13
N PRO A 447 22.23 -2.28 -9.87
CA PRO A 447 22.17 -2.61 -11.31
C PRO A 447 21.53 -3.95 -11.66
N GLN A 448 21.93 -5.06 -11.03
CA GLN A 448 21.39 -6.35 -11.45
C GLN A 448 19.89 -6.39 -11.21
N HIS A 449 19.47 -5.93 -10.05
CA HIS A 449 18.04 -5.94 -9.79
C HIS A 449 17.30 -5.02 -10.76
N ALA A 450 17.89 -3.86 -11.11
CA ALA A 450 17.24 -3.01 -12.12
C ALA A 450 17.10 -3.73 -13.45
N ALA A 451 18.14 -4.47 -13.88
CA ALA A 451 18.11 -5.15 -15.18
C ALA A 451 17.07 -6.26 -15.23
N VAL A 452 16.80 -6.94 -14.12
CA VAL A 452 15.81 -8.02 -14.19
C VAL A 452 14.43 -7.58 -13.71
N ASN A 453 14.34 -6.49 -12.95
CA ASN A 453 13.06 -6.05 -12.43
C ASN A 453 12.33 -5.10 -13.38
N TYR A 454 13.01 -4.09 -13.88
CA TYR A 454 12.24 -3.08 -14.60
C TYR A 454 11.81 -3.44 -16.03
N PRO A 455 12.39 -4.43 -16.72
CA PRO A 455 11.77 -4.82 -18.00
C PRO A 455 10.52 -5.66 -17.83
N GLN A 456 10.15 -6.03 -16.60
CA GLN A 456 9.02 -6.93 -16.42
C GLN A 456 7.78 -6.38 -17.08
N TYR A 457 7.51 -5.08 -16.95
CA TYR A 457 6.26 -4.56 -17.50
C TYR A 457 6.30 -4.59 -19.03
N ASP A 458 7.38 -4.06 -19.61
CA ASP A 458 7.47 -3.97 -21.07
C ASP A 458 7.36 -5.33 -21.75
N TYR A 459 7.78 -6.40 -21.06
CA TYR A 459 7.82 -7.68 -21.73
C TYR A 459 6.87 -8.71 -21.14
N MET A 460 6.41 -8.53 -19.92
CA MET A 460 5.60 -9.54 -19.27
C MET A 460 4.26 -9.01 -18.83
N ALA A 461 3.97 -7.71 -19.00
CA ALA A 461 2.60 -7.28 -18.77
C ALA A 461 1.74 -7.46 -20.00
N PHE A 462 2.35 -7.64 -21.18
CA PHE A 462 1.61 -8.08 -22.34
C PHE A 462 1.69 -9.59 -22.34
N ILE A 463 0.60 -10.22 -21.93
CA ILE A 463 0.64 -11.65 -21.56
C ILE A 463 1.11 -12.56 -22.68
N PRO A 464 0.69 -12.40 -23.94
CA PRO A 464 1.08 -13.37 -24.98
C PRO A 464 2.57 -13.39 -25.27
N ASN A 465 3.31 -12.33 -24.94
CA ASN A 465 4.75 -12.36 -25.16
C ASN A 465 5.46 -13.28 -24.18
N MET A 466 5.01 -13.29 -22.92
CA MET A 466 5.68 -14.05 -21.87
C MET A 466 4.68 -14.42 -20.78
N PRO A 467 3.82 -15.42 -21.04
CA PRO A 467 2.86 -15.85 -20.01
C PRO A 467 3.61 -16.68 -18.99
N LEU A 468 3.28 -16.50 -17.71
CA LEU A 468 4.01 -17.19 -16.65
C LEU A 468 3.59 -18.65 -16.50
N ALA A 469 2.50 -19.07 -17.14
CA ALA A 469 2.23 -20.49 -17.31
C ALA A 469 1.48 -20.69 -18.62
N THR A 470 1.52 -21.92 -19.10
CA THR A 470 0.75 -22.37 -20.25
C THR A 470 -0.31 -23.35 -19.77
N TYR A 471 -1.46 -23.33 -20.43
CA TYR A 471 -2.68 -23.93 -19.90
C TYR A 471 -3.26 -25.01 -20.81
N ALA A 472 -2.51 -25.45 -21.81
CA ALA A 472 -2.86 -26.61 -22.64
C ALA A 472 -1.57 -27.20 -23.20
N THR A 473 -1.62 -28.46 -23.67
CA THR A 473 -0.39 -29.06 -24.19
C THR A 473 -0.05 -28.54 -25.59
N PRO A 474 1.23 -28.58 -25.97
CA PRO A 474 1.59 -28.29 -27.38
C PRO A 474 0.82 -29.18 -28.33
N PRO A 475 0.15 -28.63 -29.33
CA PRO A 475 -0.55 -29.49 -30.29
C PRO A 475 0.43 -30.37 -31.05
N ASN A 476 -0.06 -31.51 -31.53
CA ASN A 476 0.73 -32.33 -32.42
C ASN A 476 1.11 -31.53 -33.68
N LYS A 477 2.33 -31.78 -34.18
CA LYS A 477 2.88 -30.98 -35.28
C LYS A 477 2.02 -31.02 -36.53
N GLU A 478 1.18 -32.04 -36.69
CA GLU A 478 0.37 -32.12 -37.90
C GLU A 478 -1.04 -31.60 -37.67
N SER A 479 -1.41 -31.26 -36.43
CA SER A 479 -2.74 -30.79 -36.13
C SER A 479 -2.95 -29.39 -36.69
N ASN A 480 -4.19 -29.04 -37.00
CA ASN A 480 -4.40 -27.67 -37.43
C ASN A 480 -4.59 -26.79 -36.21
N ILE A 481 -4.13 -25.55 -36.32
CA ILE A 481 -4.10 -24.65 -35.18
C ILE A 481 -5.06 -23.51 -35.44
N SER A 482 -6.04 -23.36 -34.55
CA SER A 482 -7.03 -22.29 -34.60
C SER A 482 -6.68 -21.21 -33.58
N GLU A 483 -7.38 -20.08 -33.69
CA GLU A 483 -7.31 -19.07 -32.64
C GLU A 483 -7.66 -19.66 -31.27
N ALA A 484 -8.66 -20.54 -31.24
CA ALA A 484 -9.06 -21.17 -29.98
C ALA A 484 -7.92 -21.98 -29.38
N THR A 485 -7.15 -22.66 -30.25
CA THR A 485 -5.99 -23.42 -29.77
C THR A 485 -5.04 -22.52 -28.97
N ILE A 486 -4.73 -21.37 -29.56
CA ILE A 486 -3.79 -20.46 -28.92
C ILE A 486 -4.38 -19.86 -27.64
N LEU A 487 -5.68 -19.54 -27.66
CA LEU A 487 -6.30 -18.94 -26.48
C LEU A 487 -6.39 -19.92 -25.32
N ASN A 488 -6.49 -21.23 -25.62
CA ASN A 488 -6.48 -22.25 -24.58
C ASN A 488 -5.10 -22.50 -24.00
N ILE A 489 -4.04 -22.18 -24.76
CA ILE A 489 -2.67 -22.33 -24.24
C ILE A 489 -2.32 -21.13 -23.36
N LEU A 490 -2.74 -19.95 -23.77
CA LEU A 490 -2.47 -18.73 -23.02
C LEU A 490 -3.33 -18.67 -21.76
N PRO A 491 -2.96 -17.82 -20.80
CA PRO A 491 -3.65 -17.83 -19.52
C PRO A 491 -5.10 -17.43 -19.66
N PRO A 492 -5.97 -17.97 -18.79
CA PRO A 492 -7.35 -17.48 -18.73
C PRO A 492 -7.42 -16.06 -18.19
N GLN A 493 -8.60 -15.45 -18.32
CA GLN A 493 -8.74 -14.01 -18.08
C GLN A 493 -8.27 -13.59 -16.70
N LYS A 494 -8.73 -14.28 -15.65
CA LYS A 494 -8.40 -13.91 -14.28
C LYS A 494 -6.90 -13.97 -13.99
N LEU A 495 -6.22 -14.98 -14.55
CA LEU A 495 -4.79 -15.11 -14.34
C LEU A 495 -3.98 -14.15 -15.21
N ALA A 496 -4.48 -13.81 -16.41
CA ALA A 496 -3.85 -12.76 -17.18
C ALA A 496 -3.93 -11.43 -16.44
N ALA A 497 -5.10 -11.15 -15.84
CA ALA A 497 -5.25 -9.94 -15.06
C ALA A 497 -4.28 -9.92 -13.88
N ARG A 498 -4.14 -11.07 -13.21
CA ARG A 498 -3.27 -11.14 -12.04
C ARG A 498 -1.81 -10.90 -12.43
N GLN A 499 -1.42 -11.35 -13.62
CA GLN A 499 -0.04 -11.17 -14.05
C GLN A 499 0.21 -9.69 -14.40
N LEU A 500 -0.76 -9.03 -15.03
CA LEU A 500 -0.62 -7.59 -15.27
C LEU A 500 -0.52 -6.83 -13.94
N GLU A 501 -1.37 -7.21 -12.98
CA GLU A 501 -1.36 -6.61 -11.67
C GLU A 501 0.04 -6.69 -11.02
N LEU A 502 0.63 -7.89 -11.04
CA LEU A 502 1.96 -8.05 -10.47
C LEU A 502 2.98 -7.17 -11.19
N MET A 503 2.98 -7.23 -12.53
CA MET A 503 4.05 -6.57 -13.28
C MET A 503 3.98 -5.04 -13.13
N ARG A 504 2.76 -4.49 -13.11
CA ARG A 504 2.62 -3.06 -12.89
C ARG A 504 3.12 -2.65 -11.50
N THR A 505 2.80 -3.43 -10.46
N THR A 505 2.81 -3.45 -10.48
CA THR A 505 3.26 -3.07 -9.11
CA THR A 505 3.25 -3.14 -9.12
C THR A 505 4.78 -3.16 -8.97
C THR A 505 4.77 -3.15 -8.99
N LEU A 506 5.43 -4.06 -9.69
CA LEU A 506 6.88 -4.19 -9.55
C LEU A 506 7.64 -3.12 -10.33
N CYS A 507 6.98 -2.39 -11.23
CA CYS A 507 7.69 -1.47 -12.08
C CYS A 507 7.24 -0.02 -11.95
N VAL A 508 6.32 0.31 -11.05
CA VAL A 508 5.65 1.59 -11.19
C VAL A 508 6.50 2.78 -10.71
N PHE A 509 7.48 2.59 -9.83
CA PHE A 509 8.34 3.73 -9.47
C PHE A 509 9.75 3.25 -9.13
N TYR A 510 10.64 4.21 -8.89
CA TYR A 510 12.01 3.95 -8.47
C TYR A 510 12.12 4.40 -7.03
N PRO A 511 12.26 3.48 -6.07
CA PRO A 511 12.26 3.90 -4.66
C PRO A 511 13.42 4.80 -4.28
N ASN A 512 14.55 4.70 -4.97
CA ASN A 512 15.73 5.51 -4.68
C ASN A 512 16.60 5.44 -5.94
N ARG A 513 17.81 5.99 -5.87
CA ARG A 513 18.59 6.19 -7.08
C ARG A 513 20.05 5.86 -6.83
N LEU A 514 20.67 5.14 -7.79
CA LEU A 514 22.05 4.68 -7.60
C LEU A 514 22.98 5.86 -7.35
N GLY A 515 23.75 5.79 -6.27
CA GLY A 515 24.72 6.80 -5.90
C GLY A 515 24.18 7.98 -5.14
N TYR A 516 22.91 7.97 -4.76
CA TYR A 516 22.25 9.12 -4.11
C TYR A 516 21.63 8.67 -2.79
N PRO A 517 22.42 8.49 -1.76
CA PRO A 517 21.87 8.03 -0.48
C PRO A 517 21.10 9.13 0.23
N ASP A 518 20.29 8.71 1.20
CA ASP A 518 19.45 9.67 1.93
C ASP A 518 20.26 10.58 2.84
N THR A 519 21.37 10.11 3.41
CA THR A 519 22.21 11.00 4.19
C THR A 519 23.64 10.92 3.71
N GLU A 520 24.32 12.06 3.76
CA GLU A 520 25.70 12.14 3.36
C GLU A 520 26.58 11.31 4.28
N PHE A 521 27.73 10.93 3.77
CA PHE A 521 28.78 10.41 4.63
C PHE A 521 29.27 11.54 5.55
N VAL A 522 29.49 11.21 6.83
N VAL A 522 29.53 11.22 6.82
CA VAL A 522 30.11 12.14 7.77
CA VAL A 522 30.10 12.23 7.69
C VAL A 522 31.56 12.43 7.37
C VAL A 522 31.58 12.44 7.41
N ASP A 523 32.28 11.39 6.97
CA ASP A 523 33.68 11.53 6.58
C ASP A 523 33.72 12.27 5.25
N VAL A 524 34.28 13.48 5.25
CA VAL A 524 34.33 14.30 4.03
C VAL A 524 35.14 13.63 2.93
N ARG A 525 36.13 12.81 3.29
CA ARG A 525 36.84 12.05 2.27
C ARG A 525 35.95 11.02 1.58
N ALA A 526 34.98 10.47 2.32
CA ALA A 526 34.10 9.49 1.71
C ALA A 526 33.02 10.17 0.90
N GLN A 527 32.57 11.35 1.35
CA GLN A 527 31.63 12.12 0.56
C GLN A 527 32.28 12.52 -0.77
N GLN A 528 33.58 12.82 -0.76
CA GLN A 528 34.24 13.15 -2.03
C GLN A 528 34.32 11.92 -2.96
N VAL A 529 34.60 10.75 -2.37
CA VAL A 529 34.61 9.52 -3.18
C VAL A 529 33.25 9.29 -3.82
N LEU A 530 32.19 9.53 -3.04
CA LEU A 530 30.84 9.37 -3.54
C LEU A 530 30.51 10.38 -4.64
N HIS A 531 30.92 11.64 -4.47
CA HIS A 531 30.69 12.64 -5.50
C HIS A 531 31.34 12.24 -6.82
N GLN A 532 32.56 11.68 -6.75
CA GLN A 532 33.21 11.20 -7.98
C GLN A 532 32.45 10.00 -8.58
N PHE A 533 31.87 9.15 -7.74
CA PHE A 533 31.04 8.09 -8.28
C PHE A 533 29.84 8.68 -9.02
N GLN A 534 29.26 9.74 -8.46
CA GLN A 534 28.11 10.39 -9.10
C GLN A 534 28.50 11.02 -10.44
N GLU A 535 29.69 11.62 -10.50
CA GLU A 535 30.21 12.15 -11.76
C GLU A 535 30.38 11.06 -12.81
N ARG A 536 30.94 9.92 -12.38
CA ARG A 536 31.14 8.79 -13.30
C ARG A 536 29.81 8.27 -13.83
N LEU A 537 28.78 8.23 -12.99
CA LEU A 537 27.47 7.77 -13.46
C LEU A 537 26.89 8.72 -14.49
N GLN A 538 27.15 10.03 -14.34
CA GLN A 538 26.73 10.97 -15.37
C GLN A 538 27.42 10.69 -16.71
N GLU A 539 28.75 10.45 -16.64
CA GLU A 539 29.46 10.06 -17.87
C GLU A 539 28.87 8.77 -18.46
N ILE A 540 28.56 7.79 -17.61
CA ILE A 540 28.05 6.52 -18.11
C ILE A 540 26.66 6.72 -18.74
N GLU A 541 25.82 7.56 -18.13
CA GLU A 541 24.53 7.89 -18.72
C GLU A 541 24.68 8.39 -20.15
N GLN A 542 25.61 9.35 -20.35
CA GLN A 542 25.76 9.91 -21.70
C GLN A 542 26.31 8.87 -22.69
N ARG A 543 27.21 8.00 -22.22
CA ARG A 543 27.70 6.95 -23.11
C ARG A 543 26.57 6.02 -23.57
N ILE A 544 25.70 5.64 -22.63
CA ILE A 544 24.60 4.74 -22.97
C ILE A 544 23.60 5.45 -23.88
N VAL A 545 23.30 6.73 -23.61
CA VAL A 545 22.46 7.49 -24.52
C VAL A 545 23.03 7.48 -25.94
N LEU A 546 24.35 7.65 -26.06
CA LEU A 546 24.96 7.56 -27.38
C LEU A 546 24.80 6.16 -27.96
N CYS A 547 25.10 5.12 -27.18
CA CYS A 547 24.96 3.77 -27.70
C CYS A 547 23.54 3.52 -28.18
N ASN A 548 22.56 4.02 -27.42
CA ASN A 548 21.17 3.79 -27.74
C ASN A 548 20.73 4.46 -29.02
N GLU A 549 21.45 5.51 -29.46
CA GLU A 549 21.12 6.12 -30.76
C GLU A 549 21.42 5.19 -31.93
N LYS A 550 22.37 4.26 -31.73
CA LYS A 550 22.82 3.33 -32.76
C LYS A 550 22.33 1.91 -32.60
N ARG A 551 21.81 1.54 -31.42
CA ARG A 551 21.30 0.18 -31.24
C ARG A 551 20.03 -0.01 -32.07
N LEU A 552 19.73 -1.29 -32.38
CA LEU A 552 18.49 -1.62 -33.09
C LEU A 552 17.28 -1.07 -32.36
N GLU A 553 17.34 -1.09 -31.02
CA GLU A 553 16.29 -0.65 -30.13
C GLU A 553 17.02 -0.09 -28.91
N PRO A 554 16.54 0.99 -28.32
CA PRO A 554 17.20 1.47 -27.10
C PRO A 554 17.06 0.46 -25.97
N TYR A 555 18.09 0.40 -25.13
CA TYR A 555 18.08 -0.37 -23.90
C TYR A 555 18.24 0.62 -22.77
N THR A 556 17.16 0.90 -22.05
CA THR A 556 17.11 1.99 -21.09
C THR A 556 17.26 1.54 -19.63
N TYR A 557 17.25 0.22 -19.36
CA TYR A 557 17.08 -0.21 -17.98
C TYR A 557 18.31 -0.01 -17.12
N LEU A 558 19.49 0.12 -17.73
CA LEU A 558 20.72 0.33 -16.98
C LEU A 558 21.26 1.76 -17.14
N LEU A 559 20.48 2.68 -17.71
CA LEU A 559 20.77 4.09 -17.50
C LEU A 559 20.85 4.36 -15.99
N PRO A 560 21.91 5.00 -15.50
CA PRO A 560 22.00 5.22 -14.04
C PRO A 560 20.80 5.97 -13.45
N SER A 561 20.17 6.84 -14.24
CA SER A 561 18.99 7.56 -13.77
C SER A 561 17.83 6.61 -13.48
N ASN A 562 17.91 5.39 -14.01
CA ASN A 562 16.85 4.39 -13.89
C ASN A 562 17.24 3.23 -12.97
N VAL A 563 18.43 3.28 -12.37
CA VAL A 563 18.92 2.20 -11.52
C VAL A 563 18.72 2.61 -10.08
N PRO A 564 17.99 1.84 -9.27
CA PRO A 564 17.84 2.21 -7.86
C PRO A 564 19.15 2.01 -7.10
N ASN A 565 19.21 2.58 -5.89
CA ASN A 565 20.34 2.39 -5.00
C ASN A 565 20.30 1.02 -4.31
N SER A 566 19.13 0.39 -4.26
CA SER A 566 18.97 -0.85 -3.52
C SER A 566 17.86 -1.69 -4.13
N THR A 567 17.87 -2.98 -3.83
CA THR A 567 16.75 -3.82 -4.20
C THR A 567 15.57 -3.51 -3.28
N SER A 568 14.52 -2.92 -3.83
CA SER A 568 13.55 -2.25 -2.97
C SER A 568 12.15 -2.33 -3.56
N ILE A 569 11.94 -3.07 -4.64
CA ILE A 569 10.63 -3.18 -5.25
C ILE A 569 10.59 -4.55 -5.95
N MET B 1 14.07 0.99 29.02
CA MET B 1 12.79 0.89 29.70
C MET B 1 12.88 1.45 31.13
N VAL B 2 12.67 2.76 31.24
CA VAL B 2 12.98 3.55 32.43
C VAL B 2 11.70 3.90 33.18
N GLN B 3 11.76 3.88 34.52
CA GLN B 3 10.58 4.16 35.32
C GLN B 3 10.08 5.59 35.05
N PRO B 4 8.80 5.79 34.73
CA PRO B 4 8.32 7.15 34.45
C PRO B 4 8.41 8.02 35.71
N SER B 5 8.64 9.31 35.50
CA SER B 5 8.76 10.19 36.64
C SER B 5 8.46 11.62 36.22
N LEU B 6 8.08 12.45 37.20
CA LEU B 6 7.91 13.88 36.97
C LEU B 6 9.28 14.56 36.89
N PRO B 7 9.44 15.54 36.00
CA PRO B 7 10.78 16.14 35.84
C PRO B 7 11.32 16.79 37.09
N GLN B 8 10.45 17.39 37.92
CA GLN B 8 10.94 18.07 39.11
C GLN B 8 11.50 17.12 40.15
N ASP B 9 11.17 15.84 40.03
CA ASP B 9 11.64 14.85 40.98
C ASP B 9 12.95 14.19 40.58
N ASP B 10 13.50 14.55 39.42
CA ASP B 10 14.69 13.90 38.88
C ASP B 10 15.94 14.66 39.32
N THR B 11 17.10 14.00 39.18
CA THR B 11 18.37 14.61 39.47
C THR B 11 18.75 15.62 38.37
N PRO B 12 19.70 16.52 38.65
CA PRO B 12 20.23 17.38 37.58
C PRO B 12 20.69 16.63 36.34
N ASP B 13 21.35 15.47 36.54
CA ASP B 13 21.81 14.67 35.40
C ASP B 13 20.63 14.07 34.64
N GLN B 14 19.66 13.52 35.37
CA GLN B 14 18.46 13.00 34.72
C GLN B 14 17.69 14.10 33.99
N GLN B 15 17.63 15.28 34.59
CA GLN B 15 16.91 16.39 33.96
C GLN B 15 17.58 16.81 32.66
N GLU B 16 18.91 16.81 32.62
CA GLU B 16 19.59 17.14 31.36
C GLU B 16 19.38 16.04 30.32
N GLN B 17 19.24 14.79 30.75
CA GLN B 17 18.92 13.73 29.79
C GLN B 17 17.52 13.95 29.19
N ARG B 18 16.54 14.23 30.05
CA ARG B 18 15.19 14.55 29.60
C ARG B 18 15.19 15.69 28.60
N ASN B 19 15.95 16.75 28.89
CA ASN B 19 15.96 17.91 28.01
C ASN B 19 16.62 17.60 26.67
N ARG B 20 17.69 16.79 26.68
CA ARG B 20 18.28 16.37 25.41
C ARG B 20 17.28 15.58 24.58
N ALA B 21 16.52 14.68 25.22
CA ALA B 21 15.53 13.93 24.44
C ALA B 21 14.51 14.89 23.84
N ILE B 22 14.08 15.88 24.61
CA ILE B 22 13.05 16.79 24.12
C ILE B 22 13.58 17.62 22.96
N ALA B 23 14.83 18.06 23.05
CA ALA B 23 15.43 18.82 21.95
C ALA B 23 15.50 18.00 20.66
N GLN B 24 15.82 16.70 20.78
CA GLN B 24 15.87 15.84 19.59
C GLN B 24 14.47 15.62 19.01
N GLN B 25 13.49 15.43 19.90
CA GLN B 25 12.11 15.23 19.49
C GLN B 25 11.55 16.49 18.81
N ARG B 26 11.85 17.67 19.33
CA ARG B 26 11.48 18.91 18.65
C ARG B 26 12.05 18.96 17.25
N GLU B 27 13.25 18.41 17.06
CA GLU B 27 13.85 18.42 15.71
C GLU B 27 13.15 17.45 14.77
N ALA B 28 12.69 16.30 15.29
CA ALA B 28 12.08 15.27 14.47
C ALA B 28 10.58 15.46 14.26
N TYR B 29 9.90 16.22 15.11
CA TYR B 29 8.48 16.46 15.02
C TYR B 29 8.23 17.97 14.86
N GLN B 30 8.50 18.50 13.67
CA GLN B 30 8.35 19.93 13.47
C GLN B 30 6.96 20.24 12.96
N TYR B 31 6.50 21.45 13.28
CA TYR B 31 5.16 21.88 12.94
C TYR B 31 5.10 22.38 11.50
N SER B 32 4.00 22.08 10.84
CA SER B 32 3.80 22.50 9.47
C SER B 32 2.30 22.71 9.27
N GLU B 33 1.92 23.11 8.06
CA GLU B 33 0.53 23.37 7.78
C GLU B 33 0.29 23.10 6.30
N THR B 34 -0.91 22.58 5.98
CA THR B 34 -1.40 22.55 4.60
C THR B 34 -2.78 23.22 4.61
N ALA B 35 -2.96 24.27 3.81
CA ALA B 35 -4.25 24.97 3.74
C ALA B 35 -4.73 25.41 5.12
N GLY B 36 -3.81 25.88 5.95
CA GLY B 36 -4.17 26.29 7.30
C GLY B 36 -4.49 25.19 8.29
N ILE B 37 -4.23 23.94 7.96
CA ILE B 37 -4.46 22.80 8.86
C ILE B 37 -3.10 22.36 9.43
N LEU B 38 -3.01 22.27 10.76
CA LEU B 38 -1.74 21.94 11.43
C LEU B 38 -1.38 20.47 11.21
N LEU B 39 -0.20 20.22 10.65
CA LEU B 39 0.30 18.87 10.40
C LEU B 39 1.79 18.83 10.68
N ILE B 40 2.41 17.66 10.57
CA ILE B 40 3.83 17.51 10.84
C ILE B 40 4.63 17.85 9.57
N LYS B 41 5.81 18.43 9.74
CA LYS B 41 6.63 18.76 8.58
C LYS B 41 7.15 17.51 7.90
N THR B 42 7.80 16.63 8.67
CA THR B 42 8.37 15.41 8.16
C THR B 42 8.04 14.28 9.12
N LEU B 43 7.44 13.21 8.62
CA LEU B 43 7.08 12.11 9.49
C LEU B 43 8.32 11.31 9.90
N PRO B 44 8.62 11.17 11.20
CA PRO B 44 9.75 10.31 11.60
C PRO B 44 9.49 8.88 11.17
N GLN B 45 10.56 8.18 10.76
CA GLN B 45 10.38 6.78 10.38
C GLN B 45 9.77 5.96 11.53
N SER B 46 10.06 6.33 12.79
CA SER B 46 9.49 5.60 13.92
C SER B 46 7.98 5.75 14.02
N GLU B 47 7.42 6.75 13.34
CA GLU B 47 6.00 6.98 13.35
C GLU B 47 5.31 6.43 12.11
N MET B 48 6.05 5.76 11.23
CA MET B 48 5.42 5.16 10.06
C MET B 48 4.51 4.01 10.47
N PHE B 49 3.64 3.61 9.54
CA PHE B 49 2.92 2.36 9.66
C PHE B 49 3.88 1.19 9.81
N SER B 50 3.43 0.14 10.50
CA SER B 50 4.21 -1.08 10.64
C SER B 50 4.07 -1.95 9.39
N LEU B 51 4.93 -2.97 9.28
CA LEU B 51 4.81 -3.95 8.22
C LEU B 51 3.45 -4.62 8.25
N LYS B 52 3.00 -5.01 9.45
CA LYS B 52 1.72 -5.69 9.57
C LYS B 52 0.56 -4.80 9.11
N TYR B 53 0.63 -3.51 9.44
CA TYR B 53 -0.37 -2.57 8.95
C TYR B 53 -0.37 -2.57 7.43
N LEU B 54 0.82 -2.42 6.83
CA LEU B 54 0.91 -2.33 5.38
C LEU B 54 0.34 -3.57 4.72
N ILE B 55 0.64 -4.75 5.28
CA ILE B 55 0.13 -6.01 4.73
C ILE B 55 -1.39 -5.99 4.71
N GLU B 56 -2.03 -5.52 5.80
CA GLU B 56 -3.49 -5.46 5.81
C GLU B 56 -4.04 -4.39 4.85
N ARG B 57 -3.41 -3.22 4.82
CA ARG B 57 -3.90 -2.20 3.90
C ARG B 57 -3.77 -2.68 2.45
N ASP B 58 -2.68 -3.40 2.13
CA ASP B 58 -2.51 -3.93 0.79
C ASP B 58 -3.56 -5.00 0.45
N LYS B 59 -3.90 -5.85 1.42
CA LYS B 59 -5.01 -6.79 1.20
C LYS B 59 -6.28 -6.06 0.79
N GLY B 60 -6.54 -4.91 1.43
CA GLY B 60 -7.75 -4.17 1.10
C GLY B 60 -7.74 -3.60 -0.31
N LEU B 61 -6.61 -3.03 -0.72
CA LEU B 61 -6.53 -2.51 -2.09
C LEU B 61 -6.61 -3.62 -3.13
N VAL B 62 -5.92 -4.75 -2.90
CA VAL B 62 -6.00 -5.86 -3.85
C VAL B 62 -7.44 -6.41 -3.91
N SER B 63 -8.14 -6.43 -2.77
CA SER B 63 -9.54 -6.85 -2.78
C SER B 63 -10.36 -5.95 -3.69
N LEU B 64 -10.02 -4.65 -3.72
CA LEU B 64 -10.75 -3.75 -4.62
C LEU B 64 -10.42 -4.01 -6.09
N ILE B 65 -9.17 -4.34 -6.40
CA ILE B 65 -8.88 -4.72 -7.78
C ILE B 65 -9.72 -5.93 -8.19
N ALA B 66 -9.77 -6.96 -7.32
CA ALA B 66 -10.53 -8.17 -7.63
C ALA B 66 -12.01 -7.87 -7.77
N ASN B 67 -12.55 -7.10 -6.82
CA ASN B 67 -13.96 -6.77 -6.88
C ASN B 67 -14.30 -6.01 -8.16
N THR B 68 -13.41 -5.07 -8.56
CA THR B 68 -13.65 -4.29 -9.76
C THR B 68 -13.57 -5.17 -11.00
N LEU B 69 -12.64 -6.12 -11.00
CA LEU B 69 -12.57 -7.10 -12.08
C LEU B 69 -13.87 -7.89 -12.21
N ALA B 70 -14.47 -8.26 -11.08
CA ALA B 70 -15.69 -9.04 -11.11
C ALA B 70 -16.94 -8.20 -11.31
N SER B 71 -16.82 -6.88 -11.20
CA SER B 71 -17.95 -5.99 -11.36
C SER B 71 -18.12 -5.58 -12.81
N ASN B 72 -19.31 -5.08 -13.11
CA ASN B 72 -19.65 -4.57 -14.43
C ASN B 72 -19.69 -3.06 -14.50
N ILE B 73 -19.39 -2.37 -13.39
CA ILE B 73 -19.34 -0.92 -13.45
C ILE B 73 -18.25 -0.44 -14.42
N GLU B 74 -18.46 0.73 -15.03
CA GLU B 74 -17.56 1.24 -16.06
C GLU B 74 -16.87 2.53 -15.64
N ASN B 75 -15.76 2.82 -16.31
CA ASN B 75 -14.98 4.04 -16.05
C ASN B 75 -15.57 5.24 -16.81
N ILE B 76 -16.81 5.62 -16.47
CA ILE B 76 -17.51 6.62 -17.26
C ILE B 76 -18.27 7.58 -16.32
N PHE B 77 -18.48 8.80 -16.79
CA PHE B 77 -19.30 9.77 -16.07
C PHE B 77 -20.76 9.70 -16.47
N ASP B 78 -21.22 8.57 -17.01
CA ASP B 78 -22.63 8.31 -17.24
C ASP B 78 -23.28 7.79 -15.96
N PRO B 79 -24.58 8.03 -15.79
CA PRO B 79 -25.30 7.35 -14.70
C PRO B 79 -25.30 5.85 -14.90
N PHE B 80 -25.62 5.12 -13.83
CA PHE B 80 -25.95 3.72 -14.01
C PHE B 80 -27.20 3.61 -14.86
N ASP B 81 -27.34 2.45 -15.52
CA ASP B 81 -28.50 2.26 -16.39
C ASP B 81 -29.77 1.90 -15.61
N LYS B 82 -29.61 1.25 -14.46
CA LYS B 82 -30.72 0.85 -13.60
C LYS B 82 -30.32 1.08 -12.15
N LEU B 83 -31.30 1.42 -11.31
CA LEU B 83 -31.03 1.53 -9.88
C LEU B 83 -30.53 0.23 -9.29
N GLU B 84 -31.04 -0.91 -9.79
CA GLU B 84 -30.57 -2.20 -9.27
C GLU B 84 -29.08 -2.39 -9.46
N ASP B 85 -28.44 -1.64 -10.38
CA ASP B 85 -27.02 -1.80 -10.61
C ASP B 85 -26.18 -1.40 -9.40
N PHE B 86 -26.72 -0.54 -8.52
CA PHE B 86 -25.98 -0.19 -7.32
C PHE B 86 -25.84 -1.38 -6.36
N GLU B 87 -26.75 -2.35 -6.46
CA GLU B 87 -26.68 -3.53 -5.64
C GLU B 87 -25.72 -4.58 -6.19
N GLU B 88 -25.24 -4.42 -7.41
N GLU B 88 -25.23 -4.42 -7.41
CA GLU B 88 -24.29 -5.36 -8.01
CA GLU B 88 -24.30 -5.35 -8.01
C GLU B 88 -22.86 -4.86 -7.94
C GLU B 88 -22.85 -4.90 -7.91
N MET B 89 -22.58 -3.89 -7.08
CA MET B 89 -21.22 -3.37 -6.93
C MET B 89 -20.34 -4.20 -6.01
N PHE B 90 -20.86 -5.27 -5.41
CA PHE B 90 -20.13 -5.99 -4.36
C PHE B 90 -19.97 -7.49 -4.65
N PRO B 91 -19.60 -7.88 -5.89
CA PRO B 91 -19.52 -9.33 -6.17
C PRO B 91 -18.53 -10.07 -5.28
N LEU B 92 -17.43 -9.44 -4.88
CA LEU B 92 -16.40 -10.05 -4.05
C LEU B 92 -16.15 -9.24 -2.78
N LEU B 93 -17.14 -8.52 -2.30
CA LEU B 93 -17.01 -7.75 -1.07
C LEU B 93 -18.23 -8.03 -0.20
N PRO B 94 -18.14 -7.77 1.10
CA PRO B 94 -19.33 -7.87 1.94
C PRO B 94 -20.41 -6.91 1.47
N LYS B 95 -21.67 -7.33 1.63
CA LYS B 95 -22.75 -6.45 1.25
C LYS B 95 -22.94 -5.41 2.35
N PRO B 96 -22.97 -4.11 2.03
CA PRO B 96 -23.23 -3.11 3.08
C PRO B 96 -24.54 -3.42 3.78
N LEU B 97 -24.51 -3.30 5.12
CA LEU B 97 -25.65 -3.73 5.93
C LEU B 97 -26.93 -2.96 5.61
N VAL B 98 -26.82 -1.68 5.24
CA VAL B 98 -28.03 -0.90 4.96
C VAL B 98 -28.69 -1.24 3.63
N MET B 99 -28.03 -2.03 2.78
CA MET B 99 -28.45 -2.11 1.38
C MET B 99 -29.91 -2.52 1.23
N ASN B 100 -30.34 -3.56 1.95
CA ASN B 100 -31.68 -4.09 1.69
C ASN B 100 -32.78 -3.16 2.19
N THR B 101 -32.58 -2.47 3.31
CA THR B 101 -33.65 -1.75 3.97
C THR B 101 -33.55 -0.21 3.86
N PHE B 102 -32.59 0.33 3.09
CA PHE B 102 -32.32 1.77 3.11
C PHE B 102 -33.51 2.65 2.73
N ARG B 103 -34.50 2.13 2.01
CA ARG B 103 -35.66 2.95 1.64
C ARG B 103 -36.59 3.20 2.81
N ASN B 104 -36.52 2.38 3.86
CA ASN B 104 -37.44 2.51 4.97
C ASN B 104 -37.17 3.78 5.77
N ASP B 105 -38.25 4.52 6.08
CA ASP B 105 -38.09 5.77 6.81
C ASP B 105 -37.44 5.56 8.16
N ARG B 106 -37.72 4.42 8.81
CA ARG B 106 -37.13 4.17 10.12
C ARG B 106 -35.65 3.90 10.00
N VAL B 107 -35.24 3.23 8.92
CA VAL B 107 -33.83 2.99 8.69
C VAL B 107 -33.10 4.29 8.35
N PHE B 108 -33.75 5.17 7.58
CA PHE B 108 -33.22 6.53 7.37
C PHE B 108 -33.04 7.26 8.70
N ALA B 109 -34.08 7.29 9.53
CA ALA B 109 -34.01 8.03 10.79
C ALA B 109 -33.01 7.41 11.76
N ARG B 110 -32.92 6.07 11.81
CA ARG B 110 -32.05 5.53 12.83
C ARG B 110 -30.57 5.77 12.57
N GLN B 111 -30.20 6.20 11.35
CA GLN B 111 -28.84 6.61 11.07
C GLN B 111 -28.45 7.88 11.81
N ARG B 112 -29.43 8.67 12.28
CA ARG B 112 -29.10 9.80 13.12
C ARG B 112 -28.56 9.38 14.48
N ILE B 113 -28.88 8.17 14.95
CA ILE B 113 -28.53 7.74 16.30
C ILE B 113 -27.65 6.50 16.31
N ALA B 114 -27.48 5.82 15.18
CA ALA B 114 -26.68 4.61 15.14
C ALA B 114 -25.95 4.47 13.80
N GLY B 115 -25.87 5.53 13.00
CA GLY B 115 -25.25 5.51 11.70
C GLY B 115 -23.84 6.03 11.76
N PRO B 116 -23.27 6.42 10.62
CA PRO B 116 -21.88 6.90 10.63
C PRO B 116 -21.74 8.26 11.30
N ASN B 117 -22.80 9.08 11.35
CA ASN B 117 -22.71 10.44 11.87
C ASN B 117 -23.75 10.69 12.97
N PRO B 118 -23.56 10.12 14.14
CA PRO B 118 -24.61 10.22 15.17
C PRO B 118 -24.46 11.51 15.98
N MET B 119 -24.03 12.58 15.32
CA MET B 119 -23.54 13.76 16.00
C MET B 119 -24.35 15.02 15.71
N VAL B 120 -25.45 14.93 14.95
CA VAL B 120 -26.12 16.10 14.40
C VAL B 120 -27.48 16.35 15.07
N ILE B 121 -28.23 15.27 15.32
CA ILE B 121 -29.60 15.41 15.78
C ILE B 121 -29.69 16.15 17.11
N GLU B 122 -30.68 17.03 17.25
CA GLU B 122 -30.83 17.70 18.52
C GLU B 122 -32.30 17.90 18.82
N ARG B 123 -32.61 17.97 20.11
CA ARG B 123 -33.99 18.09 20.54
C ARG B 123 -34.51 19.49 20.28
N VAL B 124 -35.72 19.60 19.70
CA VAL B 124 -36.27 20.91 19.45
C VAL B 124 -36.74 21.51 20.77
N VAL B 125 -36.31 22.73 21.05
CA VAL B 125 -36.73 23.49 22.21
C VAL B 125 -37.34 24.79 21.72
N ASP B 126 -38.50 25.15 22.27
CA ASP B 126 -39.23 26.40 22.03
C ASP B 126 -39.92 26.48 20.67
N LYS B 127 -39.19 26.31 19.58
CA LYS B 127 -39.83 26.41 18.27
C LYS B 127 -38.87 25.95 17.20
N LEU B 128 -39.41 25.64 16.01
CA LEU B 128 -38.57 25.35 14.86
C LEU B 128 -37.89 26.62 14.37
N PRO B 129 -36.78 26.50 13.62
CA PRO B 129 -36.20 27.68 12.97
C PRO B 129 -37.25 28.39 12.13
N ASP B 130 -37.18 29.73 12.06
CA ASP B 130 -38.18 30.49 11.32
C ASP B 130 -38.10 30.25 9.82
N ASN B 131 -36.95 29.82 9.31
CA ASN B 131 -36.81 29.52 7.89
C ASN B 131 -37.26 28.09 7.55
N PHE B 132 -37.89 27.37 8.50
CA PHE B 132 -38.38 26.01 8.31
C PHE B 132 -39.88 26.02 8.66
N PRO B 133 -40.78 26.53 7.73
CA PRO B 133 -42.19 26.79 8.14
C PRO B 133 -43.08 25.54 8.11
N VAL B 134 -42.73 24.55 8.94
CA VAL B 134 -43.60 23.41 9.19
C VAL B 134 -44.85 23.89 9.92
N THR B 135 -46.02 23.43 9.49
CA THR B 135 -47.28 23.86 10.07
C THR B 135 -47.94 22.72 10.84
N ASP B 136 -48.89 23.09 11.73
CA ASP B 136 -49.66 22.09 12.46
C ASP B 136 -50.35 21.13 11.50
N ALA B 137 -50.93 21.68 10.43
CA ALA B 137 -51.65 20.86 9.45
C ALA B 137 -50.74 19.80 8.84
N MET B 138 -49.52 20.19 8.44
CA MET B 138 -48.56 19.20 7.99
C MET B 138 -48.30 18.17 9.09
N PHE B 139 -47.91 18.64 10.28
CA PHE B 139 -47.58 17.74 11.38
C PHE B 139 -48.71 16.74 11.65
N GLN B 140 -49.95 17.24 11.70
CA GLN B 140 -51.07 16.40 12.05
C GLN B 140 -51.36 15.39 10.95
N LYS B 141 -51.15 15.79 9.68
CA LYS B 141 -51.36 14.88 8.58
C LYS B 141 -50.31 13.76 8.59
N ILE B 142 -49.06 14.09 8.94
CA ILE B 142 -48.01 13.08 8.91
C ILE B 142 -48.12 12.13 10.09
N MET B 143 -48.40 12.66 11.27
CA MET B 143 -48.45 11.87 12.49
C MET B 143 -49.83 11.27 12.71
N PHE B 144 -50.80 11.60 11.87
CA PHE B 144 -52.18 11.14 12.01
C PHE B 144 -52.64 11.36 13.45
N THR B 145 -52.55 12.63 13.86
CA THR B 145 -52.76 13.04 15.24
C THR B 145 -53.46 14.38 15.24
N LYS B 146 -54.07 14.74 16.37
CA LYS B 146 -54.58 16.09 16.59
C LYS B 146 -53.62 16.96 17.38
N LYS B 147 -52.52 16.40 17.88
CA LYS B 147 -51.51 17.21 18.56
C LYS B 147 -50.96 18.30 17.65
N THR B 148 -50.71 19.48 18.22
CA THR B 148 -50.07 20.56 17.49
C THR B 148 -48.56 20.46 17.60
N LEU B 149 -47.87 21.16 16.68
CA LEU B 149 -46.41 21.27 16.79
C LEU B 149 -46.01 21.76 18.15
N ALA B 150 -46.66 22.82 18.65
CA ALA B 150 -46.21 23.41 19.91
C ALA B 150 -46.37 22.41 21.06
N GLU B 151 -47.46 21.62 21.04
CA GLU B 151 -47.63 20.61 22.08
C GLU B 151 -46.57 19.53 21.99
N ALA B 152 -46.24 19.09 20.78
CA ALA B 152 -45.20 18.09 20.61
C ALA B 152 -43.85 18.62 21.09
N ILE B 153 -43.54 19.89 20.79
CA ILE B 153 -42.28 20.48 21.25
C ILE B 153 -42.26 20.57 22.77
N ALA B 154 -43.38 20.99 23.38
CA ALA B 154 -43.44 21.08 24.83
C ALA B 154 -43.19 19.72 25.49
N GLN B 155 -43.58 18.64 24.82
CA GLN B 155 -43.33 17.31 25.37
C GLN B 155 -41.95 16.78 25.01
N GLY B 156 -41.13 17.54 24.30
CA GLY B 156 -39.83 17.05 23.95
C GLY B 156 -39.87 15.91 22.93
N LYS B 157 -40.89 15.88 22.06
CA LYS B 157 -41.06 14.81 21.08
C LYS B 157 -40.34 15.08 19.76
N LEU B 158 -39.94 16.31 19.46
CA LEU B 158 -39.40 16.65 18.15
C LEU B 158 -37.90 16.84 18.21
N PHE B 159 -37.24 16.50 17.10
CA PHE B 159 -35.81 16.53 16.94
C PHE B 159 -35.52 17.06 15.55
N ILE B 160 -34.35 17.64 15.34
CA ILE B 160 -34.06 18.30 14.06
C ILE B 160 -32.62 18.04 13.71
N THR B 161 -32.33 17.88 12.43
CA THR B 161 -30.97 18.04 11.92
C THR B 161 -30.97 19.21 10.96
N ASN B 162 -30.12 20.21 11.24
CA ASN B 162 -30.09 21.43 10.45
C ASN B 162 -28.72 21.51 9.80
N TYR B 163 -28.65 21.33 8.48
CA TYR B 163 -27.38 21.30 7.77
C TYR B 163 -26.97 22.68 7.27
N LYS B 164 -27.32 23.74 8.00
CA LYS B 164 -26.97 25.10 7.60
C LYS B 164 -25.48 25.31 7.46
N GLY B 165 -24.66 24.46 8.09
CA GLY B 165 -23.21 24.57 7.95
C GLY B 165 -22.71 24.32 6.55
N LEU B 166 -23.55 23.80 5.65
CA LEU B 166 -23.19 23.56 4.26
C LEU B 166 -23.72 24.63 3.33
N ALA B 167 -24.45 25.62 3.85
CA ALA B 167 -25.24 26.49 2.99
C ALA B 167 -24.36 27.36 2.09
N GLU B 168 -23.10 27.62 2.48
CA GLU B 168 -22.23 28.49 1.71
C GLU B 168 -21.18 27.76 0.88
N LEU B 169 -21.28 26.44 0.72
CA LEU B 169 -20.31 25.74 -0.11
C LEU B 169 -20.41 26.24 -1.55
N SER B 170 -19.25 26.47 -2.20
CA SER B 170 -19.27 26.56 -3.66
C SER B 170 -19.39 25.15 -4.22
N PRO B 171 -20.29 24.90 -5.17
CA PRO B 171 -20.49 23.51 -5.63
C PRO B 171 -19.28 22.99 -6.39
N GLY B 172 -18.96 21.73 -6.15
CA GLY B 172 -17.85 21.12 -6.86
C GLY B 172 -18.13 21.00 -8.33
N ARG B 173 -17.04 20.97 -9.12
CA ARG B 173 -17.14 20.81 -10.55
C ARG B 173 -16.37 19.57 -10.97
N TYR B 174 -16.76 19.02 -12.12
CA TYR B 174 -16.02 17.89 -12.66
C TYR B 174 -16.09 17.99 -14.17
N GLU B 175 -15.15 17.32 -14.83
CA GLU B 175 -15.07 17.38 -16.28
C GLU B 175 -14.53 16.07 -16.82
N TYR B 176 -14.84 15.83 -18.09
CA TYR B 176 -14.36 14.61 -18.73
C TYR B 176 -14.34 14.81 -20.24
N GLN B 177 -13.55 13.96 -20.90
CA GLN B 177 -13.55 13.90 -22.36
C GLN B 177 -14.73 13.07 -22.82
N LYS B 178 -15.48 13.60 -23.78
CA LYS B 178 -16.57 12.85 -24.41
C LYS B 178 -16.60 13.27 -25.88
N ASN B 179 -16.06 12.40 -26.74
CA ASN B 179 -16.00 12.63 -28.19
C ASN B 179 -15.17 13.87 -28.52
N GLY B 180 -13.91 13.84 -28.09
CA GLY B 180 -12.97 14.93 -28.36
C GLY B 180 -13.46 16.29 -27.92
N THR B 181 -14.45 16.29 -27.03
CA THR B 181 -15.05 17.50 -26.49
C THR B 181 -14.94 17.44 -24.98
N LEU B 182 -14.49 18.53 -24.37
CA LEU B 182 -14.38 18.60 -22.92
C LEU B 182 -15.69 19.07 -22.34
N VAL B 183 -16.35 18.19 -21.57
CA VAL B 183 -17.61 18.50 -20.91
C VAL B 183 -17.31 18.91 -19.49
N GLN B 184 -17.90 20.02 -19.06
CA GLN B 184 -17.74 20.50 -17.70
C GLN B 184 -19.11 20.54 -17.06
N LYS B 185 -19.18 20.05 -15.82
CA LYS B 185 -20.44 19.94 -15.12
C LYS B 185 -20.20 20.37 -13.67
N THR B 186 -21.30 20.62 -12.98
CA THR B 186 -21.28 21.09 -11.60
C THR B 186 -22.16 20.19 -10.76
N LYS B 187 -21.72 19.88 -9.55
CA LYS B 187 -22.55 19.20 -8.58
C LYS B 187 -23.64 20.14 -8.08
N THR B 188 -24.65 19.57 -7.43
CA THR B 188 -25.70 20.35 -6.80
C THR B 188 -25.53 20.24 -5.29
N ILE B 189 -25.42 21.38 -4.62
CA ILE B 189 -25.26 21.34 -3.18
C ILE B 189 -26.63 21.58 -2.57
N ALA B 190 -26.78 21.15 -1.32
CA ALA B 190 -28.02 21.31 -0.59
C ALA B 190 -27.64 21.48 0.87
N ALA B 191 -28.46 22.20 1.62
CA ALA B 191 -28.26 22.38 3.05
C ALA B 191 -29.61 22.21 3.74
N PRO B 192 -30.03 20.97 3.96
CA PRO B 192 -31.43 20.73 4.36
C PRO B 192 -31.71 20.94 5.85
N LEU B 193 -33.00 21.05 6.15
CA LEU B 193 -33.53 20.88 7.49
C LEU B 193 -34.41 19.64 7.49
N VAL B 194 -34.25 18.79 8.51
CA VAL B 194 -35.02 17.56 8.63
C VAL B 194 -35.66 17.51 10.01
N LEU B 195 -36.97 17.36 10.05
CA LEU B 195 -37.69 17.26 11.30
C LEU B 195 -37.97 15.79 11.58
N TYR B 196 -37.75 15.38 12.84
CA TYR B 196 -38.03 14.04 13.30
C TYR B 196 -38.94 14.14 14.51
N ALA B 197 -39.68 13.06 14.76
CA ALA B 197 -40.49 12.90 15.95
C ALA B 197 -40.18 11.57 16.61
N TRP B 198 -40.13 11.54 17.94
CA TRP B 198 -40.10 10.27 18.64
C TRP B 198 -41.51 9.70 18.65
N LYS B 199 -41.70 8.48 18.14
CA LYS B 199 -43.04 7.88 18.08
C LYS B 199 -43.12 6.69 19.02
N PRO B 200 -43.72 6.83 20.20
CA PRO B 200 -43.66 5.74 21.20
C PRO B 200 -44.22 4.42 20.74
N GLU B 201 -45.16 4.41 19.79
CA GLU B 201 -45.82 3.18 19.38
C GLU B 201 -45.02 2.44 18.32
N GLY B 202 -45.29 1.14 18.21
CA GLY B 202 -44.64 0.28 17.24
C GLY B 202 -45.33 -1.05 17.03
N ARG B 207 -40.23 -1.12 18.32
CA ARG B 207 -41.38 -0.48 18.95
C ARG B 207 -41.24 1.04 18.86
N GLY B 208 -40.90 1.69 19.96
CA GLY B 208 -40.71 3.14 19.94
C GLY B 208 -39.47 3.50 19.13
N SER B 209 -39.60 4.50 18.26
CA SER B 209 -38.45 4.89 17.45
C SER B 209 -38.65 6.27 16.84
N LEU B 210 -37.55 6.83 16.35
CA LEU B 210 -37.55 8.09 15.64
C LEU B 210 -38.15 7.90 14.26
N ALA B 211 -38.98 8.85 13.86
CA ALA B 211 -39.58 8.84 12.53
C ALA B 211 -39.32 10.18 11.86
N PRO B 212 -38.96 10.18 10.58
CA PRO B 212 -38.83 11.45 9.86
C PRO B 212 -40.21 12.01 9.49
N ILE B 213 -40.33 13.33 9.61
CA ILE B 213 -41.59 14.05 9.42
C ILE B 213 -41.54 14.96 8.21
N ALA B 214 -40.42 15.67 8.02
CA ALA B 214 -40.44 16.77 7.05
C ALA B 214 -39.03 17.06 6.61
N ILE B 215 -38.82 17.32 5.32
CA ILE B 215 -37.51 17.72 4.78
C ILE B 215 -37.69 18.96 3.91
N GLN B 216 -36.98 20.03 4.25
CA GLN B 216 -36.77 21.13 3.33
C GLN B 216 -35.33 21.05 2.80
N ILE B 217 -35.17 20.98 1.49
CA ILE B 217 -33.86 20.61 0.96
C ILE B 217 -32.85 21.77 1.05
N ASN B 218 -33.32 23.02 0.98
CA ASN B 218 -32.44 24.17 1.14
C ASN B 218 -32.93 25.11 2.23
N GLN B 219 -32.09 26.10 2.57
CA GLN B 219 -32.29 26.83 3.81
C GLN B 219 -33.38 27.90 3.72
N GLN B 220 -33.58 28.50 2.54
CA GLN B 220 -34.51 29.60 2.38
C GLN B 220 -35.81 29.09 1.79
N PRO B 221 -36.92 29.15 2.53
CA PRO B 221 -38.15 28.48 2.09
C PRO B 221 -38.81 29.17 0.90
N ASP B 222 -39.36 28.35 0.00
CA ASP B 222 -40.26 28.87 -1.02
C ASP B 222 -41.26 27.77 -1.34
N PRO B 223 -42.56 28.08 -1.34
CA PRO B 223 -43.55 27.00 -1.50
C PRO B 223 -43.45 26.30 -2.84
N ILE B 224 -42.83 26.91 -3.85
CA ILE B 224 -42.73 26.29 -5.16
C ILE B 224 -41.33 25.76 -5.42
N THR B 225 -40.30 26.58 -5.19
CA THR B 225 -38.97 26.15 -5.56
C THR B 225 -38.21 25.49 -4.42
N ASN B 226 -38.70 25.55 -3.19
CA ASN B 226 -37.98 24.89 -2.12
C ASN B 226 -38.97 24.49 -1.03
N PRO B 227 -39.91 23.61 -1.37
CA PRO B 227 -41.03 23.32 -0.47
C PRO B 227 -40.62 22.34 0.61
N ILE B 228 -41.54 22.12 1.55
CA ILE B 228 -41.31 21.14 2.60
C ILE B 228 -41.90 19.82 2.13
N TYR B 229 -41.04 18.81 1.96
CA TYR B 229 -41.47 17.47 1.60
C TYR B 229 -41.78 16.64 2.83
N THR B 230 -42.73 15.72 2.72
CA THR B 230 -43.15 14.87 3.82
C THR B 230 -43.26 13.44 3.29
N PRO B 231 -43.43 12.45 4.18
CA PRO B 231 -43.63 11.07 3.68
C PRO B 231 -44.84 10.89 2.76
N ARG B 232 -45.77 11.86 2.71
CA ARG B 232 -46.90 11.80 1.78
C ARG B 232 -46.52 12.12 0.35
N ASP B 233 -45.27 12.47 0.07
CA ASP B 233 -44.92 12.98 -1.24
C ASP B 233 -44.26 11.93 -2.13
N GLY B 234 -44.42 10.66 -1.79
CA GLY B 234 -44.12 9.61 -2.76
C GLY B 234 -42.66 9.58 -3.14
N LYS B 235 -42.40 9.52 -4.45
CA LYS B 235 -41.02 9.50 -4.91
C LYS B 235 -40.31 10.81 -4.60
N HIS B 236 -41.04 11.92 -4.50
CA HIS B 236 -40.39 13.18 -4.17
C HIS B 236 -39.83 13.15 -2.75
N TRP B 237 -40.51 12.43 -1.85
CA TRP B 237 -39.98 12.21 -0.51
C TRP B 237 -38.72 11.38 -0.54
N PHE B 238 -38.74 10.31 -1.33
CA PHE B 238 -37.55 9.50 -1.52
C PHE B 238 -36.36 10.36 -1.97
N ILE B 239 -36.60 11.28 -2.91
CA ILE B 239 -35.51 12.13 -3.39
C ILE B 239 -35.08 13.12 -2.33
N ALA B 240 -36.02 13.65 -1.56
CA ALA B 240 -35.64 14.57 -0.49
C ALA B 240 -34.74 13.88 0.53
N LYS B 241 -35.02 12.60 0.83
CA LYS B 241 -34.11 11.89 1.73
C LYS B 241 -32.72 11.70 1.13
N ILE B 242 -32.63 11.53 -0.18
CA ILE B 242 -31.30 11.40 -0.82
C ILE B 242 -30.49 12.66 -0.54
N PHE B 243 -31.09 13.83 -0.75
CA PHE B 243 -30.37 15.08 -0.50
C PHE B 243 -30.02 15.24 0.97
N ALA B 244 -30.92 14.82 1.87
CA ALA B 244 -30.61 14.89 3.29
C ALA B 244 -29.47 13.95 3.67
N GLN B 245 -29.41 12.78 3.04
CA GLN B 245 -28.33 11.85 3.33
C GLN B 245 -27.02 12.40 2.80
N MET B 246 -27.05 12.99 1.60
CA MET B 246 -25.85 13.58 1.04
C MET B 246 -25.29 14.66 1.96
N ALA B 247 -26.18 15.49 2.51
CA ALA B 247 -25.74 16.51 3.45
C ALA B 247 -25.16 15.91 4.72
N ASP B 248 -25.82 14.88 5.26
CA ASP B 248 -25.28 14.19 6.42
C ASP B 248 -23.90 13.60 6.11
N GLY B 249 -23.73 13.09 4.90
CA GLY B 249 -22.46 12.51 4.51
C GLY B 249 -21.34 13.53 4.39
N ASN B 250 -21.68 14.72 3.94
CA ASN B 250 -20.68 15.77 3.85
C ASN B 250 -20.31 16.30 5.23
N CYS B 251 -21.31 16.48 6.09
CA CYS B 251 -21.03 16.85 7.46
C CYS B 251 -20.24 15.75 8.15
N HIS B 252 -20.58 14.50 7.87
CA HIS B 252 -19.83 13.40 8.40
C HIS B 252 -18.36 13.50 8.04
N GLU B 253 -18.05 13.58 6.74
CA GLU B 253 -16.62 13.44 6.38
C GLU B 253 -15.81 14.67 6.78
N ALA B 254 -16.36 15.85 6.55
CA ALA B 254 -15.62 17.07 6.83
C ALA B 254 -15.58 17.34 8.34
N ILE B 255 -16.72 17.27 9.01
CA ILE B 255 -16.77 17.74 10.39
C ILE B 255 -16.52 16.60 11.38
N SER B 256 -17.34 15.55 11.32
CA SER B 256 -17.29 14.57 12.39
C SER B 256 -16.07 13.68 12.30
N HIS B 257 -15.66 13.35 11.07
CA HIS B 257 -14.60 12.35 10.85
C HIS B 257 -13.26 13.05 10.70
N LEU B 258 -13.04 13.78 9.58
CA LEU B 258 -11.74 14.39 9.37
C LEU B 258 -11.42 15.43 10.43
N ALA B 259 -12.30 16.42 10.62
CA ALA B 259 -11.98 17.50 11.56
C ALA B 259 -11.87 16.97 12.98
N ARG B 260 -12.93 16.32 13.47
CA ARG B 260 -13.09 16.17 14.90
C ARG B 260 -12.64 14.81 15.43
N THR B 261 -11.96 14.02 14.61
CA THR B 261 -11.16 12.94 15.17
C THR B 261 -9.72 13.14 14.67
N HIS B 262 -9.46 12.85 13.39
CA HIS B 262 -8.12 12.90 12.84
C HIS B 262 -7.38 14.21 13.16
N LEU B 263 -7.93 15.34 12.72
CA LEU B 263 -7.11 16.55 12.67
C LEU B 263 -7.02 17.27 14.01
N ILE B 264 -8.05 17.17 14.86
CA ILE B 264 -7.90 17.75 16.19
C ILE B 264 -6.96 16.93 17.05
N LEU B 265 -6.64 15.68 16.67
CA LEU B 265 -5.66 14.94 17.46
C LEU B 265 -4.25 15.38 17.14
N GLU B 266 -4.02 15.89 15.93
CA GLU B 266 -2.65 16.19 15.51
C GLU B 266 -1.91 17.12 16.47
N PRO B 267 -2.51 18.20 17.00
CA PRO B 267 -1.76 19.05 17.93
C PRO B 267 -1.36 18.33 19.20
N PHE B 268 -2.21 17.42 19.70
CA PHE B 268 -1.86 16.70 20.92
C PHE B 268 -0.68 15.76 20.66
N VAL B 269 -0.63 15.13 19.48
CA VAL B 269 0.47 14.22 19.19
C VAL B 269 1.77 15.01 19.13
N LEU B 270 1.71 16.18 18.47
CA LEU B 270 2.91 16.99 18.31
C LEU B 270 3.35 17.64 19.63
N ALA B 271 2.40 18.12 20.44
CA ALA B 271 2.76 18.69 21.73
C ALA B 271 3.45 17.65 22.60
N THR B 272 2.92 16.42 22.58
CA THR B 272 3.50 15.35 23.39
C THR B 272 4.97 15.15 23.01
N ALA B 273 5.25 15.10 21.70
CA ALA B 273 6.63 14.98 21.25
C ALA B 273 7.46 16.23 21.55
N ASN B 274 6.88 17.41 21.44
CA ASN B 274 7.65 18.64 21.54
C ASN B 274 7.92 19.06 22.99
N GLU B 275 7.22 18.50 23.98
CA GLU B 275 7.35 19.01 25.34
C GLU B 275 7.54 17.94 26.41
N LEU B 276 7.21 16.68 26.15
CA LEU B 276 7.27 15.67 27.19
C LEU B 276 8.42 14.71 26.91
N ALA B 277 9.21 14.42 27.95
CA ALA B 277 10.25 13.42 27.87
C ALA B 277 9.65 12.03 27.62
N PRO B 278 10.42 11.11 27.03
CA PRO B 278 9.92 9.76 26.77
C PRO B 278 9.44 9.03 28.02
N ASN B 279 10.03 9.33 29.18
CA ASN B 279 9.62 8.76 30.45
C ASN B 279 8.74 9.72 31.26
N HIS B 280 8.13 10.69 30.61
CA HIS B 280 7.08 11.43 31.30
C HIS B 280 5.84 10.58 31.38
N PRO B 281 5.20 10.48 32.56
CA PRO B 281 4.04 9.58 32.70
C PRO B 281 2.91 9.88 31.74
N LEU B 282 2.69 11.17 31.40
CA LEU B 282 1.61 11.50 30.47
C LEU B 282 1.96 11.08 29.05
N SER B 283 3.24 11.21 28.68
CA SER B 283 3.66 10.72 27.37
C SER B 283 3.46 9.22 27.27
N VAL B 284 3.82 8.51 28.33
CA VAL B 284 3.68 7.05 28.37
C VAL B 284 2.21 6.66 28.29
N LEU B 285 1.33 7.42 28.94
CA LEU B 285 -0.10 7.15 28.90
C LEU B 285 -0.67 7.37 27.50
N LEU B 286 -0.35 8.51 26.88
CA LEU B 286 -1.02 8.93 25.65
C LEU B 286 -0.48 8.24 24.40
N LYS B 287 0.83 7.99 24.33
CA LYS B 287 1.40 7.55 23.06
C LYS B 287 0.77 6.27 22.49
N PRO B 288 0.35 5.27 23.28
CA PRO B 288 -0.32 4.13 22.66
C PRO B 288 -1.55 4.54 21.87
N HIS B 289 -2.23 5.61 22.30
CA HIS B 289 -3.42 6.12 21.65
C HIS B 289 -3.11 7.09 20.51
N PHE B 290 -1.83 7.28 20.18
CA PHE B 290 -1.38 8.03 19.01
C PHE B 290 -0.71 7.15 17.95
N GLN B 291 -0.73 5.83 18.12
CA GLN B 291 -0.06 4.94 17.17
C GLN B 291 -0.64 5.06 15.77
N PHE B 292 0.24 5.38 14.81
CA PHE B 292 -0.10 5.57 13.39
C PHE B 292 -0.95 6.81 13.14
N THR B 293 -1.15 7.68 14.14
CA THR B 293 -2.05 8.83 13.94
C THR B 293 -1.40 9.88 13.05
N LEU B 294 -0.13 10.22 13.29
CA LEU B 294 0.55 11.14 12.37
C LEU B 294 0.56 10.56 10.96
N ALA B 295 0.81 9.25 10.84
CA ALA B 295 0.96 8.67 9.53
C ALA B 295 -0.38 8.66 8.77
N ILE B 296 -1.47 8.28 9.46
CA ILE B 296 -2.73 8.30 8.75
C ILE B 296 -3.13 9.72 8.40
N ASN B 297 -2.73 10.71 9.21
CA ASN B 297 -3.05 12.08 8.85
C ASN B 297 -2.20 12.56 7.68
N GLU B 298 -1.00 12.01 7.50
CA GLU B 298 -0.21 12.31 6.31
C GLU B 298 -0.84 11.69 5.07
N LEU B 299 -1.40 10.47 5.18
CA LEU B 299 -2.16 9.95 4.06
C LEU B 299 -3.42 10.78 3.78
N ALA B 300 -4.05 11.32 4.81
CA ALA B 300 -5.18 12.22 4.58
C ALA B 300 -4.75 13.43 3.81
N ARG B 301 -3.62 14.03 4.20
CA ARG B 301 -3.07 15.17 3.48
C ARG B 301 -2.82 14.83 2.01
N GLU B 302 -2.23 13.66 1.75
CA GLU B 302 -1.82 13.32 0.39
C GLU B 302 -2.97 12.78 -0.47
N GLN B 303 -3.89 12.03 0.10
CA GLN B 303 -4.86 11.26 -0.68
C GLN B 303 -6.29 11.74 -0.53
N LEU B 304 -6.62 12.35 0.62
CA LEU B 304 -7.97 12.79 0.95
C LEU B 304 -8.23 14.25 0.64
N ILE B 305 -7.38 15.18 1.09
CA ILE B 305 -7.68 16.59 0.98
C ILE B 305 -6.74 17.31 0.00
N SER B 306 -6.10 16.55 -0.88
CA SER B 306 -5.25 17.03 -1.97
C SER B 306 -6.10 17.32 -3.21
N ALA B 307 -5.57 18.17 -4.08
CA ALA B 307 -6.17 18.34 -5.40
C ALA B 307 -6.25 16.97 -6.10
N GLY B 308 -7.40 16.64 -6.68
CA GLY B 308 -7.63 15.33 -7.27
C GLY B 308 -7.76 14.16 -6.33
N GLY B 309 -7.72 14.37 -5.02
CA GLY B 309 -7.93 13.32 -4.05
C GLY B 309 -9.41 12.99 -3.86
N TYR B 310 -9.69 12.20 -2.81
CA TYR B 310 -11.06 11.73 -2.63
C TYR B 310 -12.03 12.86 -2.30
N ALA B 311 -11.63 13.82 -1.46
CA ALA B 311 -12.60 14.87 -1.10
C ALA B 311 -12.94 15.72 -2.31
N ASP B 312 -11.93 16.06 -3.12
CA ASP B 312 -12.15 16.81 -4.35
C ASP B 312 -13.08 16.04 -5.28
N ASP B 313 -12.82 14.73 -5.48
CA ASP B 313 -13.63 13.93 -6.40
C ASP B 313 -15.07 13.80 -5.92
N LEU B 314 -15.26 13.54 -4.62
CA LEU B 314 -16.50 12.92 -4.16
C LEU B 314 -17.45 13.86 -3.43
N LEU B 315 -16.95 14.87 -2.74
CA LEU B 315 -17.78 15.67 -1.85
C LEU B 315 -18.59 16.70 -2.64
N ALA B 316 -19.55 17.33 -1.96
CA ALA B 316 -20.47 18.22 -2.64
C ALA B 316 -19.80 19.52 -3.10
N GLY B 317 -18.88 20.04 -2.29
CA GLY B 317 -18.30 21.33 -2.57
C GLY B 317 -17.00 21.23 -3.34
N THR B 318 -16.49 22.38 -3.81
CA THR B 318 -15.11 22.42 -4.27
C THR B 318 -14.17 22.02 -3.13
N LEU B 319 -12.95 21.64 -3.49
CA LEU B 319 -12.00 21.27 -2.43
C LEU B 319 -11.80 22.43 -1.46
N GLU B 320 -11.69 23.65 -1.98
CA GLU B 320 -11.50 24.81 -1.12
C GLU B 320 -12.68 25.01 -0.17
N ALA B 321 -13.89 24.72 -0.66
CA ALA B 321 -15.07 24.83 0.19
C ALA B 321 -15.06 23.75 1.29
N SER B 322 -14.69 22.51 0.93
CA SER B 322 -14.63 21.46 1.96
C SER B 322 -13.58 21.77 3.01
N ILE B 323 -12.44 22.32 2.57
CA ILE B 323 -11.38 22.64 3.52
C ILE B 323 -11.82 23.75 4.45
N ALA B 324 -12.64 24.70 3.96
CA ALA B 324 -13.14 25.76 4.85
C ALA B 324 -14.04 25.19 5.93
N VAL B 325 -14.93 24.26 5.54
CA VAL B 325 -15.80 23.58 6.52
C VAL B 325 -14.96 22.85 7.56
N ILE B 326 -13.95 22.10 7.10
CA ILE B 326 -13.07 21.36 8.01
C ILE B 326 -12.43 22.33 8.99
N LYS B 327 -11.86 23.42 8.48
CA LYS B 327 -11.12 24.31 9.35
C LYS B 327 -12.04 25.02 10.35
N ALA B 328 -13.25 25.37 9.94
CA ALA B 328 -14.20 25.96 10.87
C ALA B 328 -14.57 24.98 11.99
N ALA B 329 -14.70 23.70 11.62
CA ALA B 329 -15.05 22.67 12.61
C ALA B 329 -13.92 22.44 13.60
N ILE B 330 -12.68 22.41 13.12
CA ILE B 330 -11.53 22.33 14.02
C ILE B 330 -11.55 23.50 15.01
N LYS B 331 -11.73 24.71 14.48
CA LYS B 331 -11.57 25.90 15.33
C LYS B 331 -12.64 25.94 16.41
N GLU B 332 -13.90 25.59 16.07
CA GLU B 332 -14.94 25.56 17.10
C GLU B 332 -14.64 24.52 18.18
N TYR B 333 -14.14 23.35 17.76
CA TYR B 333 -13.78 22.31 18.72
C TYR B 333 -12.67 22.80 19.67
N MET B 334 -11.59 23.35 19.11
CA MET B 334 -10.45 23.77 19.91
C MET B 334 -10.77 24.96 20.80
N ASP B 335 -11.58 25.89 20.29
CA ASP B 335 -11.96 27.06 21.09
C ASP B 335 -12.83 26.65 22.27
N ASN B 336 -13.50 25.49 22.18
CA ASN B 336 -14.45 25.06 23.20
C ASN B 336 -14.13 23.63 23.65
N PHE B 337 -12.84 23.31 23.76
CA PHE B 337 -12.37 21.94 23.89
C PHE B 337 -13.15 21.16 24.96
N THR B 338 -13.17 21.67 26.19
CA THR B 338 -13.74 20.88 27.27
C THR B 338 -15.25 20.72 27.10
N GLU B 339 -15.91 21.63 26.38
CA GLU B 339 -17.34 21.50 26.06
C GLU B 339 -17.63 20.43 25.02
N PHE B 340 -16.61 19.85 24.41
CA PHE B 340 -16.84 18.70 23.50
C PHE B 340 -16.58 17.35 24.18
N ALA B 341 -16.30 17.36 25.49
CA ALA B 341 -16.40 16.13 26.28
C ALA B 341 -17.75 15.48 26.01
N LEU B 342 -17.75 14.17 25.84
CA LEU B 342 -18.98 13.45 25.44
C LEU B 342 -20.22 13.82 26.25
N PRO B 343 -20.20 13.80 27.60
CA PRO B 343 -21.45 14.16 28.32
C PRO B 343 -21.94 15.58 28.01
N ARG B 344 -21.01 16.53 27.84
CA ARG B 344 -21.41 17.92 27.64
C ARG B 344 -21.88 18.14 26.20
N GLU B 345 -21.23 17.49 25.23
CA GLU B 345 -21.66 17.54 23.84
C GLU B 345 -23.09 17.01 23.70
N LEU B 346 -23.36 15.86 24.31
CA LEU B 346 -24.72 15.30 24.22
C LEU B 346 -25.74 16.24 24.86
N ALA B 347 -25.39 16.80 26.03
CA ALA B 347 -26.32 17.67 26.74
C ALA B 347 -26.63 18.92 25.92
N ARG B 348 -25.61 19.47 25.24
CA ARG B 348 -25.85 20.68 24.45
C ARG B 348 -26.81 20.42 23.31
N ARG B 349 -26.86 19.20 22.76
CA ARG B 349 -27.87 18.85 21.77
C ARG B 349 -29.18 18.38 22.36
N GLY B 350 -29.35 18.42 23.69
CA GLY B 350 -30.60 17.98 24.25
C GLY B 350 -30.81 16.49 24.27
N VAL B 351 -29.77 15.69 24.10
CA VAL B 351 -29.91 14.25 23.95
C VAL B 351 -28.99 13.47 24.89
N GLY B 352 -28.59 14.10 26.00
CA GLY B 352 -27.74 13.44 26.98
C GLY B 352 -28.55 12.58 27.94
N ILE B 353 -27.85 11.93 28.87
CA ILE B 353 -28.58 11.01 29.74
C ILE B 353 -29.43 11.78 30.75
N GLY B 354 -29.15 13.07 30.97
CA GLY B 354 -29.97 13.89 31.83
C GLY B 354 -31.17 14.52 31.18
N ASP B 355 -31.32 14.35 29.85
CA ASP B 355 -32.44 14.92 29.12
C ASP B 355 -33.64 13.97 29.23
N VAL B 356 -34.38 14.09 30.34
CA VAL B 356 -35.43 13.15 30.68
C VAL B 356 -36.76 13.87 30.89
N ASP B 357 -37.86 13.13 30.69
CA ASP B 357 -39.18 13.72 30.86
C ASP B 357 -39.56 13.67 32.34
N GLN B 358 -40.79 14.09 32.64
CA GLN B 358 -41.26 14.14 34.02
C GLN B 358 -41.17 12.78 34.70
N ARG B 359 -41.26 11.69 33.92
CA ARG B 359 -41.23 10.32 34.45
C ARG B 359 -39.84 9.73 34.51
N GLY B 360 -38.79 10.51 34.24
CA GLY B 360 -37.43 10.04 34.31
C GLY B 360 -36.91 9.32 33.09
N GLU B 361 -37.69 9.20 32.03
CA GLU B 361 -37.26 8.47 30.85
C GLU B 361 -36.77 9.45 29.78
N ASN B 362 -35.72 9.05 29.05
CA ASN B 362 -35.08 9.98 28.12
C ASN B 362 -36.05 10.39 27.02
N PHE B 363 -35.94 11.65 26.58
CA PHE B 363 -36.71 12.08 25.42
C PHE B 363 -36.35 11.28 24.18
N LEU B 364 -35.14 10.75 24.14
CA LEU B 364 -34.66 9.98 22.99
C LEU B 364 -34.17 8.66 23.56
N PRO B 365 -35.10 7.74 23.86
CA PRO B 365 -34.69 6.52 24.59
C PRO B 365 -33.76 5.63 23.80
N ASP B 366 -33.86 5.64 22.48
CA ASP B 366 -33.14 4.73 21.60
C ASP B 366 -31.97 5.53 21.04
N TYR B 367 -30.77 5.34 21.60
CA TYR B 367 -29.62 6.11 21.13
C TYR B 367 -28.36 5.29 21.38
N PRO B 368 -28.09 4.30 20.54
CA PRO B 368 -26.97 3.39 20.83
C PRO B 368 -25.62 4.08 20.91
N TYR B 369 -25.35 5.05 20.03
CA TYR B 369 -24.09 5.76 20.14
C TYR B 369 -23.94 6.36 21.54
N ARG B 370 -24.98 7.04 22.03
CA ARG B 370 -24.88 7.65 23.36
C ARG B 370 -24.63 6.60 24.43
N ASP B 371 -25.45 5.56 24.45
CA ASP B 371 -25.40 4.60 25.56
C ASP B 371 -24.08 3.83 25.60
N ASP B 372 -23.55 3.44 24.42
CA ASP B 372 -22.31 2.68 24.41
C ASP B 372 -21.09 3.58 24.58
N ALA B 373 -21.11 4.77 23.96
CA ALA B 373 -20.02 5.71 24.13
C ALA B 373 -19.89 6.12 25.60
N MET B 374 -21.01 6.34 26.30
CA MET B 374 -20.96 6.71 27.72
C MET B 374 -20.26 5.64 28.53
N LEU B 375 -20.52 4.36 28.20
CA LEU B 375 -19.81 3.28 28.92
C LEU B 375 -18.29 3.40 28.73
N LEU B 376 -17.87 3.70 27.51
CA LEU B 376 -16.44 3.77 27.22
C LEU B 376 -15.84 5.05 27.79
N TRP B 377 -16.55 6.16 27.70
CA TRP B 377 -16.10 7.39 28.33
C TRP B 377 -15.85 7.14 29.81
N ASN B 378 -16.79 6.50 30.49
CA ASN B 378 -16.67 6.38 31.94
C ASN B 378 -15.52 5.44 32.32
N ALA B 379 -15.33 4.38 31.52
CA ALA B 379 -14.24 3.44 31.77
C ALA B 379 -12.86 4.07 31.53
N ILE B 380 -12.74 4.82 30.45
CA ILE B 380 -11.50 5.54 30.18
C ILE B 380 -11.24 6.55 31.29
N GLU B 381 -12.27 7.22 31.78
CA GLU B 381 -12.08 8.21 32.85
C GLU B 381 -11.50 7.57 34.10
N VAL B 382 -12.01 6.39 34.48
CA VAL B 382 -11.45 5.70 35.65
C VAL B 382 -10.02 5.28 35.37
N TYR B 383 -9.77 4.76 34.17
CA TYR B 383 -8.42 4.37 33.80
C TYR B 383 -7.44 5.55 33.92
N VAL B 384 -7.79 6.72 33.38
CA VAL B 384 -6.76 7.74 33.37
C VAL B 384 -6.65 8.37 34.76
N ARG B 385 -7.74 8.44 35.54
CA ARG B 385 -7.61 8.91 36.91
C ARG B 385 -6.74 7.98 37.75
N ASP B 386 -7.00 6.67 37.66
CA ASP B 386 -6.22 5.70 38.46
C ASP B 386 -4.77 5.66 38.02
N TYR B 387 -4.52 5.82 36.72
CA TYR B 387 -3.15 5.87 36.23
C TYR B 387 -2.45 7.14 36.72
N LEU B 388 -3.08 8.31 36.53
CA LEU B 388 -2.42 9.57 36.85
C LEU B 388 -2.19 9.73 38.34
N SER B 389 -3.06 9.15 39.17
CA SER B 389 -2.88 9.14 40.62
C SER B 389 -1.60 8.45 41.05
N LEU B 390 -1.09 7.51 40.25
CA LEU B 390 0.21 6.92 40.57
C LEU B 390 1.31 7.97 40.60
N TYR B 391 1.16 9.08 39.88
CA TYR B 391 2.25 10.01 39.69
C TYR B 391 1.96 11.41 40.22
N TYR B 392 0.69 11.83 40.24
CA TYR B 392 0.28 13.11 40.81
C TYR B 392 -0.61 12.85 42.01
N GLN B 393 -0.17 13.25 43.20
CA GLN B 393 -1.03 13.15 44.37
C GLN B 393 -1.59 14.48 44.84
N SER B 394 -0.84 15.56 44.65
CA SER B 394 -1.35 16.86 45.04
C SER B 394 -1.17 17.80 43.86
N PRO B 395 -2.04 18.81 43.74
CA PRO B 395 -1.97 19.72 42.59
C PRO B 395 -0.65 20.46 42.49
N VAL B 396 0.16 20.53 43.54
CA VAL B 396 1.44 21.22 43.41
C VAL B 396 2.34 20.45 42.45
N GLN B 397 2.20 19.12 42.38
CA GLN B 397 3.00 18.36 41.43
C GLN B 397 2.56 18.62 40.00
N ILE B 398 1.28 18.93 39.81
CA ILE B 398 0.83 19.37 38.50
C ILE B 398 1.45 20.72 38.17
N ARG B 399 1.45 21.64 39.13
CA ARG B 399 1.91 22.99 38.84
C ARG B 399 3.43 23.07 38.69
N GLN B 400 4.17 22.22 39.39
CA GLN B 400 5.63 22.22 39.32
C GLN B 400 6.19 21.27 38.26
N ASP B 401 5.34 20.56 37.52
CA ASP B 401 5.78 19.77 36.38
C ASP B 401 6.01 20.71 35.19
N THR B 402 7.28 21.08 34.96
CA THR B 402 7.63 22.04 33.92
C THR B 402 7.33 21.52 32.51
N GLU B 403 7.46 20.21 32.29
CA GLU B 403 7.19 19.63 30.99
C GLU B 403 5.69 19.68 30.69
N LEU B 404 4.88 19.29 31.67
CA LEU B 404 3.43 19.39 31.53
C LEU B 404 2.98 20.83 31.30
N GLN B 405 3.54 21.78 32.05
CA GLN B 405 3.16 23.17 31.86
C GLN B 405 3.52 23.65 30.45
N ASN B 406 4.67 23.20 29.93
CA ASN B 406 5.06 23.52 28.55
C ASN B 406 4.11 22.88 27.55
N TRP B 407 3.68 21.66 27.82
CA TRP B 407 2.72 20.96 26.95
C TRP B 407 1.45 21.77 26.77
N VAL B 408 0.92 22.30 27.89
CA VAL B 408 -0.29 23.11 27.82
C VAL B 408 -0.01 24.40 27.04
N ARG B 409 1.09 25.10 27.37
CA ARG B 409 1.41 26.35 26.67
C ARG B 409 1.53 26.12 25.17
N ARG B 410 2.11 24.99 24.77
CA ARG B 410 2.28 24.67 23.36
C ARG B 410 0.92 24.53 22.69
N LEU B 411 0.02 23.76 23.33
CA LEU B 411 -1.31 23.52 22.76
C LEU B 411 -2.13 24.80 22.64
N VAL B 412 -2.12 25.65 23.66
CA VAL B 412 -3.00 26.81 23.54
C VAL B 412 -2.36 27.86 22.65
N SER B 413 -1.06 27.76 22.36
CA SER B 413 -0.42 28.79 21.55
C SER B 413 -0.96 28.78 20.12
N PRO B 414 -0.91 29.93 19.44
CA PRO B 414 -1.43 30.01 18.06
C PRO B 414 -0.73 29.09 17.07
N GLU B 415 0.52 28.69 17.32
CA GLU B 415 1.21 27.81 16.39
C GLU B 415 1.27 26.35 16.87
N GLY B 416 0.70 26.04 18.04
CA GLY B 416 0.65 24.68 18.52
C GLY B 416 -0.73 24.06 18.53
N GLY B 417 -1.73 24.68 17.92
CA GLY B 417 -3.06 24.10 17.93
C GLY B 417 -4.14 25.08 18.32
N ARG B 418 -3.77 26.15 19.01
CA ARG B 418 -4.71 27.20 19.41
C ARG B 418 -5.86 26.59 20.21
N VAL B 419 -5.52 25.71 21.15
CA VAL B 419 -6.56 25.03 21.90
C VAL B 419 -6.93 25.94 23.06
N THR B 420 -7.65 27.03 22.78
CA THR B 420 -7.96 28.02 23.79
C THR B 420 -9.06 27.55 24.76
N GLY B 421 -9.76 26.46 24.46
CA GLY B 421 -10.66 25.93 25.46
C GLY B 421 -10.06 24.85 26.35
N LEU B 422 -8.74 24.68 26.34
CA LEU B 422 -8.15 23.53 27.00
C LEU B 422 -8.20 23.64 28.52
N VAL B 423 -8.05 24.85 29.04
CA VAL B 423 -7.67 25.02 30.43
C VAL B 423 -8.37 26.25 31.00
N SER B 424 -8.65 26.24 32.32
CA SER B 424 -9.20 27.39 33.04
C SER B 424 -8.09 28.25 33.66
N ASN B 425 -8.40 29.53 33.86
CA ASN B 425 -7.54 30.45 34.60
C ASN B 425 -6.20 30.64 33.93
N GLY B 426 -6.11 30.35 32.64
CA GLY B 426 -4.86 30.50 31.91
C GLY B 426 -3.81 29.44 32.17
N GLU B 427 -4.12 28.39 32.93
CA GLU B 427 -3.05 27.52 33.41
C GLU B 427 -3.66 26.24 33.97
N LEU B 428 -2.97 25.11 33.75
CA LEU B 428 -3.37 23.83 34.31
C LEU B 428 -2.87 23.72 35.74
N ASN B 429 -3.79 23.54 36.69
CA ASN B 429 -3.44 23.54 38.11
C ASN B 429 -3.87 22.33 38.91
N THR B 430 -4.78 21.48 38.40
CA THR B 430 -5.33 20.41 39.21
C THR B 430 -5.19 19.08 38.49
N ILE B 431 -5.20 18.00 39.27
CA ILE B 431 -5.19 16.66 38.69
C ILE B 431 -6.49 16.37 37.96
N GLU B 432 -7.62 16.81 38.53
CA GLU B 432 -8.89 16.47 37.87
C GLU B 432 -8.99 17.13 36.49
N ALA B 433 -8.46 18.35 36.32
CA ALA B 433 -8.47 18.96 34.99
C ALA B 433 -7.64 18.16 33.97
N LEU B 434 -6.46 17.70 34.38
CA LEU B 434 -5.65 16.86 33.52
C LEU B 434 -6.35 15.53 33.23
N VAL B 435 -7.05 14.99 34.22
CA VAL B 435 -7.79 13.75 34.00
C VAL B 435 -8.83 13.95 32.90
N ALA B 436 -9.55 15.07 32.95
CA ALA B 436 -10.54 15.37 31.93
C ALA B 436 -9.92 15.54 30.55
N ILE B 437 -8.76 16.21 30.47
CA ILE B 437 -8.11 16.40 29.18
C ILE B 437 -7.68 15.07 28.58
N ALA B 438 -6.99 14.26 29.37
CA ALA B 438 -6.51 12.98 28.83
C ALA B 438 -7.65 12.02 28.52
N THR B 439 -8.70 12.02 29.35
CA THR B 439 -9.87 11.19 29.04
C THR B 439 -10.44 11.56 27.68
N GLN B 440 -10.57 12.87 27.41
CA GLN B 440 -11.16 13.29 26.13
C GLN B 440 -10.26 12.90 24.96
N VAL B 441 -8.95 13.08 25.10
CA VAL B 441 -8.03 12.73 24.02
C VAL B 441 -8.12 11.23 23.70
N ILE B 442 -8.11 10.39 24.74
CA ILE B 442 -8.13 8.97 24.49
C ILE B 442 -9.50 8.54 23.96
N PHE B 443 -10.59 9.08 24.52
CA PHE B 443 -11.91 8.82 23.98
C PHE B 443 -12.01 9.16 22.49
N VAL B 444 -11.52 10.33 22.09
CA VAL B 444 -11.57 10.72 20.68
C VAL B 444 -10.79 9.75 19.82
N SER B 445 -9.58 9.41 20.27
CA SER B 445 -8.69 8.61 19.42
C SER B 445 -9.21 7.19 19.23
N GLY B 446 -9.82 6.61 20.26
CA GLY B 446 -10.34 5.27 20.16
C GLY B 446 -11.81 5.24 19.81
N PRO B 447 -12.66 5.32 20.85
CA PRO B 447 -14.12 5.19 20.65
C PRO B 447 -14.73 6.14 19.64
N GLN B 448 -14.47 7.45 19.74
CA GLN B 448 -15.15 8.39 18.85
C GLN B 448 -14.79 8.10 17.40
N HIS B 449 -13.49 7.91 17.16
CA HIS B 449 -13.07 7.61 15.80
C HIS B 449 -13.67 6.30 15.34
N ALA B 450 -13.73 5.29 16.21
CA ALA B 450 -14.40 4.06 15.82
C ALA B 450 -15.84 4.32 15.40
N ALA B 451 -16.59 5.11 16.19
CA ALA B 451 -18.01 5.31 15.92
C ALA B 451 -18.26 6.07 14.62
N VAL B 452 -17.33 6.91 14.19
CA VAL B 452 -17.56 7.64 12.94
C VAL B 452 -16.86 6.97 11.76
N ASN B 453 -15.82 6.16 12.02
CA ASN B 453 -15.09 5.55 10.93
C ASN B 453 -15.69 4.21 10.50
N TYR B 454 -15.96 3.32 11.45
CA TYR B 454 -16.30 1.97 11.01
C TYR B 454 -17.70 1.79 10.44
N PRO B 455 -18.69 2.67 10.67
CA PRO B 455 -19.95 2.51 9.93
C PRO B 455 -19.89 2.98 8.47
N GLN B 456 -18.78 3.55 8.02
CA GLN B 456 -18.73 4.13 6.68
C GLN B 456 -19.05 3.09 5.61
N TYR B 457 -18.54 1.87 5.74
CA TYR B 457 -18.79 0.88 4.71
C TYR B 457 -20.27 0.47 4.70
N ASP B 458 -20.81 0.12 5.89
CA ASP B 458 -22.19 -0.34 5.95
C ASP B 458 -23.19 0.69 5.48
N TYR B 459 -22.90 1.98 5.65
CA TYR B 459 -23.89 2.98 5.29
C TYR B 459 -23.52 3.80 4.08
N MET B 460 -22.25 3.84 3.70
CA MET B 460 -21.83 4.72 2.64
C MET B 460 -21.14 4.00 1.48
N ALA B 461 -20.85 2.70 1.59
CA ALA B 461 -20.38 2.01 0.40
C ALA B 461 -21.55 1.63 -0.49
N PHE B 462 -22.77 1.56 0.05
CA PHE B 462 -23.97 1.46 -0.77
C PHE B 462 -24.35 2.89 -1.12
N ILE B 463 -24.02 3.27 -2.35
CA ILE B 463 -24.09 4.68 -2.75
C ILE B 463 -25.47 5.30 -2.62
N PRO B 464 -26.58 4.64 -3.02
CA PRO B 464 -27.90 5.31 -2.90
C PRO B 464 -28.28 5.66 -1.48
N ASN B 465 -27.73 5.00 -0.46
CA ASN B 465 -28.11 5.38 0.89
C ASN B 465 -27.47 6.68 1.31
N MET B 466 -26.25 6.96 0.84
CA MET B 466 -25.57 8.16 1.32
C MET B 466 -24.52 8.56 0.29
N PRO B 467 -24.97 9.11 -0.84
CA PRO B 467 -24.02 9.57 -1.87
C PRO B 467 -23.30 10.81 -1.38
N LEU B 468 -21.99 10.89 -1.63
CA LEU B 468 -21.28 12.05 -1.10
C LEU B 468 -21.49 13.32 -1.92
N ALA B 469 -22.08 13.23 -3.12
CA ALA B 469 -22.56 14.42 -3.80
C ALA B 469 -23.81 14.05 -4.59
N THR B 470 -24.62 15.05 -4.90
CA THR B 470 -25.74 14.89 -5.82
C THR B 470 -25.43 15.63 -7.11
N TYR B 471 -25.95 15.10 -8.22
CA TYR B 471 -25.50 15.47 -9.56
C TYR B 471 -26.60 16.07 -10.44
N ALA B 472 -27.74 16.43 -9.84
CA ALA B 472 -28.80 17.12 -10.53
C ALA B 472 -29.60 17.87 -9.46
N THR B 473 -30.45 18.81 -9.90
CA THR B 473 -31.24 19.60 -8.96
C THR B 473 -32.45 18.80 -8.46
N PRO B 474 -32.98 19.14 -7.28
CA PRO B 474 -34.24 18.55 -6.85
C PRO B 474 -35.32 18.81 -7.91
N PRO B 475 -36.02 17.78 -8.35
CA PRO B 475 -37.06 17.99 -9.36
C PRO B 475 -38.18 18.84 -8.79
N ASN B 476 -38.84 19.56 -9.68
CA ASN B 476 -40.05 20.28 -9.34
C ASN B 476 -41.02 19.37 -8.59
N LYS B 477 -41.62 19.88 -7.51
CA LYS B 477 -42.50 19.06 -6.68
C LYS B 477 -43.68 18.46 -7.44
N GLU B 478 -43.98 18.96 -8.64
CA GLU B 478 -45.07 18.48 -9.46
C GLU B 478 -44.62 17.60 -10.62
N SER B 479 -43.32 17.50 -10.89
CA SER B 479 -42.90 16.73 -12.04
C SER B 479 -43.04 15.24 -11.77
N ASN B 480 -43.12 14.46 -12.84
CA ASN B 480 -43.07 13.02 -12.72
C ASN B 480 -41.64 12.57 -12.55
N ILE B 481 -41.42 11.66 -11.61
CA ILE B 481 -40.08 11.17 -11.34
C ILE B 481 -39.94 9.81 -11.99
N SER B 482 -38.98 9.69 -12.89
CA SER B 482 -38.70 8.41 -13.52
C SER B 482 -37.50 7.78 -12.83
N GLU B 483 -37.23 6.51 -13.15
CA GLU B 483 -35.99 5.92 -12.68
C GLU B 483 -34.78 6.74 -13.16
N ALA B 484 -34.86 7.29 -14.38
CA ALA B 484 -33.76 8.07 -14.92
C ALA B 484 -33.52 9.35 -14.11
N THR B 485 -34.60 9.98 -13.64
CA THR B 485 -34.49 11.14 -12.77
C THR B 485 -33.62 10.84 -11.55
N ILE B 486 -33.88 9.70 -10.92
CA ILE B 486 -33.12 9.39 -9.72
C ILE B 486 -31.69 9.06 -10.09
N LEU B 487 -31.49 8.30 -11.19
CA LEU B 487 -30.14 7.93 -11.60
C LEU B 487 -29.29 9.15 -11.97
N ASN B 488 -29.91 10.23 -12.44
N ASN B 488 -29.91 10.23 -12.43
CA ASN B 488 -29.18 11.47 -12.73
CA ASN B 488 -29.18 11.46 -12.74
C ASN B 488 -28.82 12.26 -11.47
C ASN B 488 -28.82 12.25 -11.48
N ILE B 489 -29.57 12.05 -10.38
CA ILE B 489 -29.24 12.71 -9.12
C ILE B 489 -28.09 11.96 -8.42
N LEU B 490 -28.10 10.64 -8.52
CA LEU B 490 -27.11 9.82 -7.85
C LEU B 490 -25.78 9.92 -8.61
N PRO B 491 -24.67 9.53 -8.00
CA PRO B 491 -23.37 9.72 -8.64
C PRO B 491 -23.24 8.92 -9.93
N PRO B 492 -22.48 9.43 -10.88
CA PRO B 492 -22.19 8.64 -12.09
C PRO B 492 -21.28 7.48 -11.73
N GLN B 493 -21.13 6.54 -12.67
CA GLN B 493 -20.49 5.24 -12.40
C GLN B 493 -19.10 5.39 -11.80
N LYS B 494 -18.25 6.19 -12.43
CA LYS B 494 -16.86 6.35 -11.99
C LYS B 494 -16.78 6.86 -10.56
N LEU B 495 -17.64 7.82 -10.20
CA LEU B 495 -17.61 8.40 -8.86
C LEU B 495 -18.29 7.52 -7.82
N ALA B 496 -19.28 6.71 -8.22
CA ALA B 496 -19.77 5.70 -7.31
C ALA B 496 -18.67 4.69 -7.00
N ALA B 497 -17.94 4.27 -8.05
CA ALA B 497 -16.85 3.34 -7.83
C ALA B 497 -15.79 3.94 -6.90
N ARG B 498 -15.51 5.23 -7.07
CA ARG B 498 -14.49 5.88 -6.24
C ARG B 498 -14.95 5.99 -4.79
N GLN B 499 -16.27 6.15 -4.57
CA GLN B 499 -16.75 6.20 -3.19
C GLN B 499 -16.67 4.82 -2.53
N LEU B 500 -16.96 3.74 -3.28
CA LEU B 500 -16.82 2.41 -2.72
C LEU B 500 -15.36 2.11 -2.39
N GLU B 501 -14.46 2.48 -3.31
CA GLU B 501 -13.03 2.32 -3.08
C GLU B 501 -12.61 2.94 -1.75
N LEU B 502 -13.00 4.21 -1.53
CA LEU B 502 -12.66 4.89 -0.28
C LEU B 502 -13.22 4.15 0.94
N MET B 503 -14.53 3.89 0.95
CA MET B 503 -15.14 3.35 2.16
C MET B 503 -14.60 1.96 2.50
N ARG B 504 -14.26 1.17 1.47
CA ARG B 504 -13.65 -0.12 1.77
C ARG B 504 -12.28 0.06 2.40
N THR B 505 -11.46 0.99 1.88
N THR B 505 -11.49 0.99 1.89
CA THR B 505 -10.12 1.11 2.48
CA THR B 505 -10.16 1.18 2.42
C THR B 505 -10.20 1.64 3.91
C THR B 505 -10.20 1.66 3.87
N LEU B 506 -11.19 2.46 4.22
CA LEU B 506 -11.29 3.04 5.55
C LEU B 506 -11.76 2.04 6.61
N CYS B 507 -12.33 0.91 6.16
CA CYS B 507 -12.98 -0.01 7.09
C CYS B 507 -12.39 -1.43 7.12
N VAL B 508 -11.39 -1.75 6.29
CA VAL B 508 -11.04 -3.16 6.07
C VAL B 508 -10.50 -3.86 7.29
N PHE B 509 -9.79 -3.16 8.18
CA PHE B 509 -9.15 -3.84 9.29
C PHE B 509 -9.08 -2.89 10.49
N TYR B 510 -8.75 -3.48 11.65
CA TYR B 510 -8.53 -2.76 12.89
C TYR B 510 -7.03 -2.70 13.14
N PRO B 511 -6.38 -1.53 13.04
CA PRO B 511 -4.92 -1.52 13.17
C PRO B 511 -4.43 -1.92 14.56
N ASN B 512 -5.24 -1.70 15.59
CA ASN B 512 -4.88 -2.07 16.96
C ASN B 512 -6.18 -2.19 17.75
N ARG B 513 -6.08 -2.35 19.06
CA ARG B 513 -7.25 -2.66 19.88
C ARG B 513 -7.27 -1.86 21.18
N LEU B 514 -8.43 -1.27 21.52
CA LEU B 514 -8.53 -0.44 22.71
C LEU B 514 -8.11 -1.21 23.97
N GLY B 515 -7.16 -0.65 24.70
CA GLY B 515 -6.67 -1.23 25.93
C GLY B 515 -5.56 -2.24 25.78
N TYR B 516 -5.09 -2.52 24.56
CA TYR B 516 -4.07 -3.53 24.29
C TYR B 516 -2.89 -2.94 23.55
N PRO B 517 -2.01 -2.25 24.26
CA PRO B 517 -0.87 -1.58 23.61
C PRO B 517 0.23 -2.54 23.25
N ASP B 518 1.08 -2.11 22.32
CA ASP B 518 2.15 -2.97 21.83
C ASP B 518 3.20 -3.28 22.89
N THR B 519 3.53 -2.34 23.78
CA THR B 519 4.47 -2.67 24.84
C THR B 519 3.83 -2.49 26.21
N GLU B 520 4.18 -3.39 27.13
CA GLU B 520 3.73 -3.24 28.51
C GLU B 520 4.34 -1.99 29.15
N PHE B 521 3.58 -1.39 30.05
CA PHE B 521 4.15 -0.39 30.93
C PHE B 521 5.28 -1.01 31.75
N VAL B 522 6.39 -0.27 31.90
CA VAL B 522 7.44 -0.78 32.79
C VAL B 522 7.00 -0.73 34.24
N ASP B 523 6.26 0.31 34.62
CA ASP B 523 5.80 0.43 36.00
C ASP B 523 4.73 -0.61 36.26
N VAL B 524 5.00 -1.56 37.16
CA VAL B 524 4.05 -2.63 37.44
C VAL B 524 2.73 -2.09 37.98
N ARG B 525 2.78 -0.94 38.68
CA ARG B 525 1.53 -0.36 39.15
C ARG B 525 0.67 0.12 37.99
N ALA B 526 1.32 0.59 36.93
CA ALA B 526 0.59 1.05 35.76
C ALA B 526 0.06 -0.14 34.97
N GLN B 527 0.88 -1.20 34.87
CA GLN B 527 0.41 -2.47 34.34
C GLN B 527 -0.89 -2.91 35.00
N GLN B 528 -0.95 -2.80 36.34
CA GLN B 528 -2.16 -3.19 37.05
C GLN B 528 -3.34 -2.30 36.69
N VAL B 529 -3.12 -0.99 36.56
CA VAL B 529 -4.24 -0.12 36.20
C VAL B 529 -4.75 -0.47 34.80
N LEU B 530 -3.83 -0.80 33.87
CA LEU B 530 -4.20 -1.20 32.52
C LEU B 530 -4.98 -2.52 32.53
N HIS B 531 -4.53 -3.48 33.32
CA HIS B 531 -5.25 -4.74 33.46
C HIS B 531 -6.67 -4.51 33.96
N GLN B 532 -6.85 -3.55 34.88
CA GLN B 532 -8.20 -3.22 35.37
C GLN B 532 -9.05 -2.62 34.25
N PHE B 533 -8.43 -1.78 33.42
CA PHE B 533 -9.16 -1.22 32.27
C PHE B 533 -9.59 -2.33 31.32
N GLN B 534 -8.69 -3.27 31.03
CA GLN B 534 -9.03 -4.42 30.19
C GLN B 534 -10.20 -5.22 30.76
N GLU B 535 -10.18 -5.47 32.08
CA GLU B 535 -11.32 -6.15 32.71
C GLU B 535 -12.61 -5.37 32.53
N ARG B 536 -12.57 -4.06 32.76
CA ARG B 536 -13.76 -3.24 32.57
C ARG B 536 -14.25 -3.31 31.12
N LEU B 537 -13.33 -3.33 30.16
CA LEU B 537 -13.74 -3.40 28.75
C LEU B 537 -14.46 -4.72 28.48
N GLN B 538 -14.03 -5.78 29.14
CA GLN B 538 -14.70 -7.08 29.01
C GLN B 538 -16.13 -7.02 29.54
N GLU B 539 -16.31 -6.33 30.68
CA GLU B 539 -17.66 -6.14 31.23
C GLU B 539 -18.54 -5.35 30.27
N ILE B 540 -18.00 -4.28 29.68
CA ILE B 540 -18.76 -3.45 28.75
C ILE B 540 -19.15 -4.24 27.51
N GLU B 541 -18.22 -5.05 26.98
CA GLU B 541 -18.54 -5.89 25.83
C GLU B 541 -19.75 -6.77 26.10
N GLN B 542 -19.81 -7.37 27.30
CA GLN B 542 -20.96 -8.23 27.59
C GLN B 542 -22.24 -7.42 27.81
N ARG B 543 -22.12 -6.24 28.41
CA ARG B 543 -23.30 -5.38 28.57
C ARG B 543 -23.85 -4.93 27.21
N ILE B 544 -22.99 -4.54 26.27
CA ILE B 544 -23.45 -4.18 24.94
C ILE B 544 -24.03 -5.39 24.23
N VAL B 545 -23.40 -6.56 24.34
CA VAL B 545 -23.96 -7.76 23.73
C VAL B 545 -25.41 -7.98 24.20
N LEU B 546 -25.63 -7.79 25.52
CA LEU B 546 -26.99 -7.93 26.06
C LEU B 546 -27.93 -6.88 25.49
N CYS B 547 -27.52 -5.61 25.49
CA CYS B 547 -28.38 -4.57 24.91
C CYS B 547 -28.70 -4.87 23.44
N ASN B 548 -27.73 -5.42 22.70
CA ASN B 548 -27.95 -5.62 21.27
C ASN B 548 -28.97 -6.71 21.00
N GLU B 549 -29.28 -7.54 22.00
CA GLU B 549 -30.35 -8.54 21.79
C GLU B 549 -31.73 -7.92 21.94
N LYS B 550 -31.84 -6.78 22.61
CA LYS B 550 -33.10 -6.09 22.81
C LYS B 550 -33.27 -4.88 21.89
N ARG B 551 -32.20 -4.37 21.27
CA ARG B 551 -32.39 -3.30 20.29
C ARG B 551 -32.98 -3.88 19.01
N LEU B 552 -33.64 -3.01 18.23
CA LEU B 552 -34.22 -3.46 16.97
C LEU B 552 -33.15 -3.99 16.01
N GLU B 553 -32.00 -3.32 15.97
CA GLU B 553 -30.86 -3.76 15.21
C GLU B 553 -29.65 -3.64 16.12
N PRO B 554 -28.70 -4.56 16.04
CA PRO B 554 -27.49 -4.42 16.85
C PRO B 554 -26.69 -3.21 16.44
N TYR B 555 -26.05 -2.58 17.42
CA TYR B 555 -25.06 -1.54 17.19
C TYR B 555 -23.74 -2.14 17.62
N THR B 556 -22.86 -2.43 16.68
CA THR B 556 -21.67 -3.20 16.98
C THR B 556 -20.41 -2.34 17.04
N TYR B 557 -20.52 -1.06 16.68
CA TYR B 557 -19.30 -0.31 16.39
C TYR B 557 -18.53 0.11 17.63
N LEU B 558 -19.19 0.15 18.79
CA LEU B 558 -18.50 0.48 20.03
C LEU B 558 -18.33 -0.72 20.97
N LEU B 559 -18.53 -1.94 20.47
CA LEU B 559 -18.00 -3.10 21.18
C LEU B 559 -16.49 -2.94 21.32
N PRO B 560 -15.94 -3.05 22.54
CA PRO B 560 -14.51 -2.76 22.73
C PRO B 560 -13.59 -3.58 21.83
N SER B 561 -13.99 -4.81 21.51
CA SER B 561 -13.26 -5.64 20.56
C SER B 561 -13.26 -5.05 19.15
N ASN B 562 -14.12 -4.07 18.86
CA ASN B 562 -14.11 -3.41 17.56
C ASN B 562 -13.57 -1.99 17.62
N VAL B 563 -13.07 -1.54 18.77
CA VAL B 563 -12.60 -0.16 18.93
C VAL B 563 -11.08 -0.19 18.91
N PRO B 564 -10.42 0.53 17.98
CA PRO B 564 -8.96 0.57 18.01
C PRO B 564 -8.44 1.34 19.21
N ASN B 565 -7.15 1.17 19.47
CA ASN B 565 -6.51 1.95 20.53
C ASN B 565 -6.23 3.38 20.10
N SER B 566 -6.24 3.66 18.79
CA SER B 566 -5.78 4.94 18.29
C SER B 566 -6.48 5.21 16.97
N THR B 567 -6.54 6.49 16.59
CA THR B 567 -7.03 6.87 15.27
C THR B 567 -5.93 6.54 14.26
N SER B 568 -6.19 5.54 13.43
CA SER B 568 -5.10 4.92 12.68
C SER B 568 -5.55 4.42 11.31
N ILE B 569 -6.78 4.68 10.89
CA ILE B 569 -7.27 4.29 9.57
C ILE B 569 -8.28 5.34 9.11
FE FE C . 12.29 -6.89 -7.50
C1 PGR D . 17.22 -23.43 -16.81
C2 PGR D . 17.93 -22.27 -16.24
C3 PGR D . 18.66 -22.82 -15.07
O1 PGR D . 18.02 -24.48 -17.19
O2 PGR D . 18.84 -21.79 -17.16
C1 BU1 E . 8.63 0.66 -16.50
C2 BU1 E . 7.18 0.66 -16.21
C3 BU1 E . 6.37 1.43 -17.16
C4 BU1 E . 6.80 1.20 -18.57
O5 BU1 E . 9.27 -0.49 -16.19
O6 BU1 E . 6.03 1.81 -19.49
C1 BU1 F . 20.69 -25.24 -10.24
C2 BU1 F . 20.20 -23.93 -9.71
C3 BU1 F . 19.74 -22.92 -10.68
C4 BU1 F . 20.34 -23.08 -12.02
O5 BU1 F . 21.03 -26.19 -9.34
O6 BU1 F . 20.33 -22.00 -12.84
C1 GOL G . 21.04 5.59 2.93
O1 GOL G . 20.18 5.98 1.88
C2 GOL G . 20.36 4.95 4.14
O2 GOL G . 21.28 4.13 4.81
C3 GOL G . 19.07 4.22 3.79
O3 GOL G . 18.67 3.38 4.85
O1 HEZ H . 9.65 -8.98 -4.90
O1 HEZ H . 9.97 -9.26 -5.31
C1 HEZ H . 8.61 -8.03 -4.63
C1 HEZ H . 9.03 -8.28 -4.84
C2 HEZ H . 7.99 -8.33 -3.27
C2 HEZ H . 8.68 -8.52 -3.40
C3 HEZ H . 6.61 -7.72 -3.17
C3 HEZ H . 7.36 -7.83 -3.06
C4 HEZ H . 5.57 -8.53 -3.95
C4 HEZ H . 6.36 -7.86 -4.20
C5 HEZ H . 4.28 -7.72 -4.14
C5 HEZ H . 4.98 -7.63 -3.61
C6 HEZ H . 4.60 -6.24 -4.03
C6 HEZ H . 3.84 -8.05 -4.53
O6 HEZ H . 4.52 -5.60 -5.31
O6 HEZ H . 3.38 -6.92 -5.27
O POL I . 45.40 -6.49 1.32
C1 POL I . 45.75 -6.17 -0.03
C2 POL I . 44.69 -6.70 -0.99
C3 POL I . 45.28 -6.61 -2.38
FE FE J . -10.57 7.58 10.00
C1 1BO K . -17.34 -3.01 8.00
C2 1BO K . -17.01 -3.45 6.62
C3 1BO K . -17.17 -4.88 6.25
C4 1BO K . -18.14 -5.68 7.07
OH 1BO K . -19.29 -6.13 6.44
C1 PGR L . -37.95 4.19 -4.39
C2 PGR L . -37.32 3.31 -5.41
C3 PGR L . -37.15 4.10 -6.67
O1 PGR L . -39.29 4.45 -4.55
O2 PGR L . -36.11 2.84 -4.95
C1 PGR M . -7.92 5.83 2.23
C2 PGR M . -6.97 6.95 2.34
C3 PGR M . -5.92 6.59 3.34
O1 PGR M . -7.66 4.76 3.06
O2 PGR M . -6.43 7.13 1.10
C1 PGR N . -14.80 15.09 32.66
C2 PGR N . -15.34 15.69 31.39
C3 PGR N . -16.73 16.22 31.58
O1 PGR N . -13.65 14.33 32.57
O2 PGR N . -14.49 16.69 30.96
C1 PGR O . -47.80 8.14 3.34
C2 PGR O . -46.75 7.10 3.60
C3 PGR O . -46.11 7.35 4.93
O1 PGR O . -48.39 8.14 2.09
O2 PGR O . -47.34 5.86 3.56
C1 BU1 P . -24.28 21.52 10.37
C2 BU1 P . -24.55 20.83 11.65
C3 BU1 P . -23.85 19.56 11.93
C4 BU1 P . -22.46 19.67 12.46
O5 BU1 P . -25.17 22.49 10.05
O6 BU1 P . -22.04 18.67 13.28
C1 BU1 Q . 0.27 -4.01 31.29
C2 BU1 Q . 0.23 -5.36 30.68
C3 BU1 Q . -0.11 -5.34 29.25
C4 BU1 Q . -1.46 -5.79 28.86
O5 BU1 Q . 1.21 -3.16 30.80
O6 BU1 Q . -1.60 -6.22 27.57
C1 PGR R . -14.58 -3.49 -15.14
C1 PGR R . -14.35 -4.98 -14.93
C2 PGR R . -14.37 -4.96 -15.19
C2 PGR R . -14.33 -3.53 -14.58
C3 PGR R . -12.92 -5.36 -15.26
C3 PGR R . -14.60 -2.91 -15.88
O1 PGR R . -13.83 -2.72 -15.99
O1 PGR R . -14.95 -5.91 -14.11
O2 PGR R . -14.91 -5.52 -14.06
O2 PGR R . -15.29 -3.03 -13.74
O POL S . -8.59 9.55 6.97
C1 POL S . -8.08 8.33 6.42
C2 POL S . -7.16 8.63 5.29
C3 POL S . -5.99 9.36 5.73
C1 PDO T . 13.89 5.11 12.20
O1 PDO T . 15.29 5.17 11.99
C2 PDO T . 13.49 4.64 13.62
C3 PDO T . 12.25 3.74 13.58
O3 PDO T . 12.05 3.05 14.82
C1 PDO U . -3.77 25.65 13.34
O1 PDO U . -3.37 26.48 14.42
C2 PDO U . -5.12 25.05 13.74
C3 PDO U . -4.96 24.02 14.87
O3 PDO U . -6.13 23.99 15.67
#